data_4H2X
#
_entry.id   4H2X
#
_cell.length_a   99.575
_cell.length_b   101.433
_cell.length_c   103.044
_cell.angle_alpha   90.000
_cell.angle_beta   90.000
_cell.angle_gamma   90.000
#
_symmetry.space_group_name_H-M   'P 21 21 21'
#
loop_
_entity.id
_entity.type
_entity.pdbx_description
1 polymer 'Amino acid--[acyl-carrier-protein] ligase 1'
2 polymer 'Amino acid--[acyl-carrier-protein] ligase 1'
3 polymer 'Aminoacyl carrier protein'
4 non-polymer "5'-O-(glycylsulfamoyl)adenosine"
5 non-polymer 'CHLORIDE ION'
6 non-polymer 'ZINC ION'
7 non-polymer "4'-PHOSPHOPANTETHEINE"
8 water water
#
loop_
_entity_poly.entity_id
_entity_poly.type
_entity_poly.pdbx_seq_one_letter_code
_entity_poly.pdbx_strand_id
1 'polypeptide(L)'
;MGSSHHHHHHSSGLVPRGSHMNIAVLPNSPDTAPQIADPLDHLADKLFHSMGSDGVYARTALYESIVERLAALITSHREA
GTEALRFPPVMSRAQLEKSGYLKSFPNLLGCVCGLHGTEREINAAVSRFDAGGDWTTSLSPADLVLSPAA(CSO)YPVYP
IAASRGPLPKGGLRFDVAADCFRREPSKHLDRLQSFRMREYVCIGTPDDVSDFRERWMVRAQAIARDLGLTFRVDYASDP
FFGRAGKMLANNQRDQQLKFELLIPLRSEEQPTACMSFNYHREHFGTTWGIQDANGEPAHTG(CSO)VAFGMDRLAVAMF
HTHGTDLSAWPAKVRDILGLQPHVAAGAHGEGWR
;
A
2 'polypeptide(L)'
;MGSSHHHHHHSSGLVPRGSHMNIAVLPNSPDTAPQIADPLDHLADKLFHSMGSDGVYARTALYESIVERLAALITSHREA
GTEALRFPPVMSRAQLEKSGYLKSFPNLLGCVCGLHGTEREINAAVSRFDAGGDWTTSLSPADLVLSPAACYPVYPIAAS
RGPLPKGGLRFDVAADCFRREPSKHLDRLQSFRMREYVCIGTPDDVSDFRERWMVRAQAIARDLGLTFRVDYASDPFFGR
AGKMLANNQRDQQLKFELLIPLRSEEQPTACMSFNYHREHFGTTWGIQDANGEPAHTGCVAFGMDRLAVAMFHTHGTDLS
AWPAKVRDILGLQPHVAAGAHGEGWR
;
B
3 'polypeptide(L)'
;MGSSHHHHHHSSGLVPRGSHMNATIREILAKFGQLPTPVDTIADEADLYAAGLSSFASVQLMLGIEEAFDIEFPDNLLNR
KSFASIKAIEDTVKLILDGKEAA
;
C,D
#
loop_
_chem_comp.id
_chem_comp.type
_chem_comp.name
_chem_comp.formula
CL non-polymer 'CHLORIDE ION' 'Cl -1'
G5A non-polymer 5'-O-(glycylsulfamoyl)adenosine 'C12 H17 N7 O7 S'
PNS non-polymer 4'-PHOSPHOPANTETHEINE 'C11 H23 N2 O7 P S'
ZN non-polymer 'ZINC ION' 'Zn 2'
#
# COMPACT_ATOMS: atom_id res chain seq x y z
N ASP A 38 12.46 17.38 -18.87
CA ASP A 38 11.83 16.15 -19.35
C ASP A 38 10.52 16.44 -20.07
N PRO A 39 10.31 15.82 -21.24
CA PRO A 39 9.14 15.99 -22.12
C PRO A 39 7.78 15.72 -21.46
N LEU A 40 7.75 14.90 -20.43
CA LEU A 40 6.48 14.54 -19.78
C LEU A 40 6.09 15.53 -18.71
N ASP A 41 7.05 16.33 -18.25
CA ASP A 41 6.86 17.24 -17.11
C ASP A 41 5.65 18.14 -17.23
N HIS A 42 5.39 18.61 -18.44
CA HIS A 42 4.26 19.54 -18.66
C HIS A 42 2.91 18.89 -18.36
N LEU A 43 2.86 17.55 -18.34
CA LEU A 43 1.63 16.83 -18.04
C LEU A 43 1.23 16.90 -16.56
N ALA A 44 2.20 17.15 -15.69
CA ALA A 44 1.98 17.05 -14.25
C ALA A 44 0.84 17.93 -13.74
N ASP A 45 0.76 19.14 -14.28
CA ASP A 45 -0.22 20.13 -13.82
CA ASP A 45 -0.22 20.12 -13.80
C ASP A 45 -1.65 19.60 -13.84
N LYS A 46 -1.99 18.88 -14.90
CA LYS A 46 -3.36 18.40 -15.05
C LYS A 46 -3.62 17.02 -14.48
N LEU A 47 -2.55 16.26 -14.21
CA LEU A 47 -2.69 14.86 -13.81
C LEU A 47 -2.40 14.56 -12.34
N PHE A 48 -1.53 15.34 -11.73
CA PHE A 48 -0.93 14.97 -10.46
C PHE A 48 -0.86 16.16 -9.52
N HIS A 49 -0.88 15.89 -8.21
CA HIS A 49 -0.44 16.89 -7.23
C HIS A 49 0.69 16.30 -6.42
N SER A 50 1.64 17.13 -6.03
CA SER A 50 2.77 16.72 -5.22
C SER A 50 2.30 16.16 -3.88
N MET A 51 2.98 15.11 -3.41
CA MET A 51 2.74 14.58 -2.08
C MET A 51 4.04 14.63 -1.27
N GLY A 52 4.95 15.50 -1.70
CA GLY A 52 6.24 15.65 -1.03
C GLY A 52 7.19 14.48 -1.14
N SER A 53 7.07 13.70 -2.22
CA SER A 53 7.97 12.56 -2.42
C SER A 53 8.03 12.17 -3.90
N ASP A 54 9.24 12.12 -4.44
CA ASP A 54 9.44 11.77 -5.84
C ASP A 54 8.81 10.40 -6.17
N GLY A 55 8.02 10.34 -7.23
CA GLY A 55 7.41 9.09 -7.66
C GLY A 55 6.16 8.71 -6.89
N VAL A 56 5.69 9.61 -6.04
CA VAL A 56 4.49 9.38 -5.25
C VAL A 56 3.59 10.59 -5.40
N TYR A 57 2.52 10.47 -6.17
CA TYR A 57 1.66 11.62 -6.49
C TYR A 57 0.18 11.36 -6.22
N ALA A 58 -0.54 12.43 -5.90
CA ALA A 58 -1.98 12.41 -5.86
C ALA A 58 -2.49 12.46 -7.29
N ARG A 59 -3.52 11.67 -7.58
CA ARG A 59 -4.10 11.61 -8.92
C ARG A 59 -5.35 12.48 -9.07
N THR A 60 -5.40 13.32 -10.09
CA THR A 60 -6.60 14.14 -10.34
C THR A 60 -7.73 13.30 -10.92
N ALA A 61 -8.93 13.88 -10.92
CA ALA A 61 -10.11 13.21 -11.46
C ALA A 61 -9.94 12.91 -12.95
N LEU A 62 -9.36 13.86 -13.69
CA LEU A 62 -9.06 13.66 -15.10
C LEU A 62 -8.18 12.41 -15.29
N TYR A 63 -7.09 12.35 -14.53
CA TYR A 63 -6.16 11.23 -14.65
C TYR A 63 -6.85 9.90 -14.31
N GLU A 64 -7.59 9.88 -13.20
CA GLU A 64 -8.24 8.66 -12.74
C GLU A 64 -9.32 8.19 -13.68
N SER A 65 -10.01 9.12 -14.35
CA SER A 65 -11.05 8.73 -15.27
C SER A 65 -10.47 7.92 -16.45
N ILE A 66 -9.24 8.24 -16.84
CA ILE A 66 -8.59 7.53 -17.93
C ILE A 66 -7.99 6.20 -17.47
N VAL A 67 -7.37 6.19 -16.29
CA VAL A 67 -6.97 4.91 -15.68
C VAL A 67 -8.15 3.92 -15.64
N GLU A 68 -9.30 4.39 -15.18
CA GLU A 68 -10.49 3.55 -15.10
CA GLU A 68 -10.52 3.56 -15.11
C GLU A 68 -10.97 3.02 -16.46
N ARG A 69 -10.96 3.87 -17.48
CA ARG A 69 -11.40 3.42 -18.79
CA ARG A 69 -11.37 3.47 -18.82
C ARG A 69 -10.38 2.48 -19.42
N LEU A 70 -9.10 2.67 -19.11
CA LEU A 70 -8.07 1.74 -19.59
C LEU A 70 -8.27 0.37 -18.92
N ALA A 71 -8.58 0.38 -17.62
CA ALA A 71 -8.83 -0.86 -16.87
C ALA A 71 -10.05 -1.60 -17.46
N ALA A 72 -11.12 -0.87 -17.75
CA ALA A 72 -12.32 -1.47 -18.35
C ALA A 72 -12.04 -2.05 -19.75
N LEU A 73 -11.20 -1.38 -20.53
CA LEU A 73 -10.81 -1.87 -21.84
C LEU A 73 -10.04 -3.19 -21.72
N ILE A 74 -9.09 -3.24 -20.81
CA ILE A 74 -8.31 -4.46 -20.62
C ILE A 74 -9.22 -5.63 -20.20
N THR A 75 -10.14 -5.34 -19.28
CA THR A 75 -11.13 -6.31 -18.84
C THR A 75 -11.97 -6.83 -20.01
N SER A 76 -12.30 -5.96 -20.95
CA SER A 76 -13.08 -6.37 -22.12
C SER A 76 -12.34 -7.38 -23.01
N HIS A 77 -11.02 -7.48 -22.85
CA HIS A 77 -10.26 -8.48 -23.61
C HIS A 77 -9.88 -9.73 -22.83
N ARG A 78 -10.41 -9.87 -21.62
CA ARG A 78 -10.08 -10.99 -20.76
C ARG A 78 -10.50 -12.31 -21.45
N GLU A 79 -9.66 -13.33 -21.38
CA GLU A 79 -10.01 -14.54 -22.12
C GLU A 79 -10.93 -15.42 -21.29
N ALA A 80 -11.56 -16.39 -21.95
CA ALA A 80 -12.51 -17.29 -21.30
C ALA A 80 -11.89 -18.06 -20.13
N GLY A 81 -12.67 -18.30 -19.10
CA GLY A 81 -12.26 -19.15 -17.99
C GLY A 81 -11.26 -18.52 -17.02
N THR A 82 -11.27 -17.19 -16.96
CA THR A 82 -10.28 -16.47 -16.15
C THR A 82 -10.87 -16.05 -14.82
N GLU A 83 -10.14 -16.33 -13.73
CA GLU A 83 -10.60 -16.03 -12.40
C GLU A 83 -9.99 -14.71 -11.93
N ALA A 84 -10.83 -13.77 -11.52
CA ALA A 84 -10.36 -12.43 -11.14
C ALA A 84 -10.11 -12.36 -9.64
N LEU A 85 -8.93 -11.88 -9.27
CA LEU A 85 -8.60 -11.64 -7.87
C LEU A 85 -7.99 -10.26 -7.75
N ARG A 86 -8.30 -9.59 -6.63
CA ARG A 86 -7.73 -8.25 -6.40
C ARG A 86 -6.95 -8.29 -5.10
N PHE A 87 -5.69 -7.88 -5.18
CA PHE A 87 -4.79 -7.96 -4.04
C PHE A 87 -4.58 -6.58 -3.42
N PRO A 88 -4.36 -6.53 -2.10
CA PRO A 88 -4.06 -5.29 -1.39
C PRO A 88 -2.62 -4.87 -1.67
N PRO A 89 -2.20 -3.68 -1.23
CA PRO A 89 -0.85 -3.21 -1.56
C PRO A 89 0.26 -3.86 -0.72
N VAL A 90 -0.09 -4.79 0.15
CA VAL A 90 0.91 -5.49 0.93
C VAL A 90 0.71 -6.98 0.78
N MET A 91 1.78 -7.73 1.03
CA MET A 91 1.71 -9.18 1.02
C MET A 91 2.65 -9.78 2.08
N SER A 92 2.51 -11.07 2.30
CA SER A 92 3.29 -11.79 3.29
C SER A 92 4.79 -11.74 2.97
N ARG A 93 5.60 -11.35 3.94
CA ARG A 93 7.04 -11.36 3.73
C ARG A 93 7.54 -12.79 3.49
N ALA A 94 6.94 -13.75 4.19
CA ALA A 94 7.35 -15.14 4.02
C ALA A 94 7.09 -15.62 2.59
N GLN A 95 5.94 -15.26 2.03
CA GLN A 95 5.62 -15.65 0.66
C GLN A 95 6.61 -15.02 -0.32
N LEU A 96 6.99 -13.78 -0.07
CA LEU A 96 7.88 -13.13 -1.01
C LEU A 96 9.30 -13.68 -0.91
N GLU A 97 9.73 -13.99 0.31
CA GLU A 97 11.01 -14.66 0.54
C GLU A 97 11.04 -15.96 -0.22
N LYS A 98 9.96 -16.72 -0.08
CA LYS A 98 9.88 -18.01 -0.71
C LYS A 98 9.88 -17.89 -2.25
N SER A 99 9.33 -16.79 -2.76
CA SER A 99 9.25 -16.65 -4.21
CA SER A 99 9.24 -16.53 -4.20
C SER A 99 10.60 -16.29 -4.84
N GLY A 100 11.61 -16.02 -4.02
CA GLY A 100 12.94 -15.78 -4.56
C GLY A 100 13.26 -14.32 -4.85
N TYR A 101 12.39 -13.42 -4.40
CA TYR A 101 12.56 -12.01 -4.72
C TYR A 101 13.89 -11.44 -4.22
N LEU A 102 14.41 -11.95 -3.11
CA LEU A 102 15.67 -11.48 -2.54
C LEU A 102 16.87 -11.89 -3.38
N LYS A 103 16.74 -12.97 -4.14
CA LYS A 103 17.82 -13.34 -5.06
C LYS A 103 17.78 -12.56 -6.36
N SER A 104 16.73 -11.76 -6.57
CA SER A 104 16.60 -11.06 -7.84
C SER A 104 16.65 -9.55 -7.71
N PHE A 105 15.80 -8.99 -6.83
CA PHE A 105 15.67 -7.53 -6.74
C PHE A 105 15.64 -6.97 -5.30
N PRO A 106 16.60 -7.39 -4.44
CA PRO A 106 16.50 -7.00 -3.02
C PRO A 106 16.49 -5.49 -2.81
N ASN A 107 17.22 -4.79 -3.67
CA ASN A 107 17.32 -3.33 -3.63
C ASN A 107 16.03 -2.60 -3.94
N LEU A 108 15.03 -3.30 -4.47
CA LEU A 108 13.79 -2.65 -4.92
C LEU A 108 12.64 -2.81 -3.94
N LEU A 109 12.85 -3.66 -2.94
CA LEU A 109 11.78 -4.06 -2.03
C LEU A 109 11.44 -3.00 -0.97
N GLY A 110 10.16 -2.86 -0.64
CA GLY A 110 9.74 -2.03 0.48
C GLY A 110 9.17 -2.96 1.54
N CYS A 111 9.75 -2.94 2.74
CA CYS A 111 9.28 -3.79 3.83
CA CYS A 111 9.26 -3.79 3.81
C CYS A 111 8.45 -2.96 4.80
N VAL A 112 7.42 -3.55 5.37
CA VAL A 112 6.67 -2.81 6.36
C VAL A 112 7.33 -3.01 7.71
N CYS A 113 7.60 -1.90 8.40
CA CYS A 113 8.11 -1.95 9.76
CA CYS A 113 8.13 -1.94 9.75
C CYS A 113 7.28 -1.08 10.67
N GLY A 114 7.28 -1.40 11.95
CA GLY A 114 6.48 -0.67 12.92
C GLY A 114 7.14 -0.62 14.30
N LEU A 115 6.48 0.10 15.19
CA LEU A 115 6.90 0.19 16.58
C LEU A 115 6.18 -0.90 17.36
N HIS A 116 6.91 -1.99 17.64
CA HIS A 116 6.28 -3.20 18.19
C HIS A 116 6.43 -3.32 19.70
N GLY A 117 7.13 -2.39 20.33
CA GLY A 117 7.45 -2.51 21.75
C GLY A 117 6.28 -2.39 22.71
N THR A 118 6.59 -2.10 23.96
CA THR A 118 5.57 -1.81 24.97
C THR A 118 5.35 -0.31 25.06
N GLU A 119 4.36 0.09 25.85
CA GLU A 119 3.97 1.49 25.95
C GLU A 119 5.16 2.39 26.29
N ARG A 120 6.02 1.92 27.19
CA ARG A 120 7.17 2.72 27.61
C ARG A 120 8.19 2.81 26.50
N GLU A 121 8.43 1.67 25.86
CA GLU A 121 9.36 1.61 24.72
C GLU A 121 8.89 2.55 23.62
N ILE A 122 7.63 2.44 23.24
CA ILE A 122 7.06 3.29 22.20
C ILE A 122 7.11 4.77 22.59
N ASN A 123 6.71 5.07 23.82
CA ASN A 123 6.77 6.45 24.32
C ASN A 123 8.19 7.01 24.28
N ALA A 124 9.16 6.19 24.63
CA ALA A 124 10.56 6.56 24.52
C ALA A 124 10.94 6.96 23.09
N ALA A 125 10.59 6.12 22.12
CA ALA A 125 10.85 6.44 20.72
C ALA A 125 10.22 7.78 20.32
N VAL A 126 8.93 7.93 20.61
CA VAL A 126 8.21 9.17 20.34
C VAL A 126 8.89 10.36 21.03
N SER A 127 9.25 10.19 22.30
CA SER A 127 9.96 11.23 23.04
C SER A 127 11.23 11.67 22.32
N ARG A 128 11.96 10.71 21.75
CA ARG A 128 13.17 11.05 21.00
C ARG A 128 12.87 11.94 19.80
N PHE A 129 11.75 11.68 19.13
CA PHE A 129 11.30 12.51 18.00
C PHE A 129 11.04 13.94 18.46
N ASP A 130 10.27 14.08 19.54
CA ASP A 130 10.00 15.39 20.14
C ASP A 130 11.29 16.08 20.55
N ALA A 131 12.25 15.30 21.05
CA ALA A 131 13.50 15.85 21.55
C ALA A 131 14.41 16.31 20.42
N GLY A 132 14.15 15.83 19.22
CA GLY A 132 14.99 16.15 18.08
C GLY A 132 15.84 14.96 17.64
N GLY A 133 15.67 13.82 18.30
CA GLY A 133 16.42 12.62 17.98
C GLY A 133 15.71 11.83 16.90
N ASP A 134 15.99 10.53 16.85
CA ASP A 134 15.47 9.68 15.78
C ASP A 134 14.63 8.53 16.31
N TRP A 135 13.31 8.64 16.17
CA TRP A 135 12.41 7.60 16.63
C TRP A 135 12.53 6.32 15.79
N THR A 136 12.96 6.44 14.53
CA THR A 136 12.96 5.31 13.61
C THR A 136 13.90 4.16 14.03
N THR A 137 14.78 4.43 14.98
CA THR A 137 15.70 3.41 15.48
C THR A 137 14.96 2.31 16.23
N SER A 138 13.75 2.62 16.70
CA SER A 138 12.94 1.63 17.38
C SER A 138 12.06 0.78 16.45
N LEU A 139 12.22 0.96 15.14
CA LEU A 139 11.36 0.22 14.19
C LEU A 139 11.81 -1.21 14.09
N SER A 140 10.86 -2.13 13.98
CA SER A 140 11.21 -3.51 13.68
C SER A 140 10.28 -4.07 12.58
N PRO A 141 10.78 -5.05 11.80
CA PRO A 141 10.03 -5.53 10.64
C PRO A 141 8.74 -6.23 11.03
N ALA A 142 7.68 -5.98 10.25
CA ALA A 142 6.48 -6.78 10.38
C ALA A 142 6.64 -8.01 9.49
N ASP A 143 5.58 -8.81 9.45
CA ASP A 143 5.52 -9.97 8.59
C ASP A 143 4.95 -9.61 7.21
N LEU A 144 5.06 -8.34 6.83
CA LEU A 144 4.48 -7.85 5.56
C LEU A 144 5.48 -7.06 4.74
N VAL A 145 5.35 -7.13 3.41
CA VAL A 145 6.09 -6.22 2.55
C VAL A 145 5.10 -5.55 1.61
N LEU A 146 5.50 -4.45 0.97
CA LEU A 146 4.67 -3.87 -0.07
CA LEU A 146 4.70 -3.85 -0.08
C LEU A 146 4.87 -4.72 -1.33
N SER A 147 3.76 -5.11 -1.95
CA SER A 147 3.83 -6.03 -3.09
CA SER A 147 3.84 -6.03 -3.09
C SER A 147 4.65 -5.45 -4.26
N PRO A 148 5.66 -6.18 -4.73
CA PRO A 148 6.48 -5.68 -5.85
C PRO A 148 5.86 -5.91 -7.23
N ALA A 149 4.93 -6.85 -7.32
CA ALA A 149 4.26 -7.16 -8.58
C ALA A 149 2.98 -7.87 -8.22
N ALA A 150 1.98 -7.77 -9.08
CA ALA A 150 0.66 -8.31 -8.78
C ALA A 150 0.59 -9.84 -8.73
N CSO A 151 1.48 -10.53 -9.43
CA CSO A 151 1.28 -11.99 -9.58
CB CSO A 151 2.03 -12.54 -10.80
SG CSO A 151 3.81 -12.41 -10.58
C CSO A 151 1.68 -12.87 -8.35
O CSO A 151 1.15 -13.93 -8.17
OD CSO A 151 4.15 -11.08 -11.17
N TYR A 152 2.63 -12.40 -7.53
CA TYR A 152 3.20 -13.25 -6.47
C TYR A 152 2.17 -13.95 -5.57
N PRO A 153 1.13 -13.24 -5.12
CA PRO A 153 0.18 -13.96 -4.26
C PRO A 153 -0.63 -15.03 -4.98
N VAL A 154 -0.62 -15.06 -6.30
CA VAL A 154 -1.50 -16.01 -6.97
C VAL A 154 -0.95 -17.44 -6.95
N TYR A 155 0.37 -17.60 -6.91
CA TYR A 155 0.98 -18.94 -6.95
C TYR A 155 0.65 -19.85 -5.75
N PRO A 156 0.80 -19.34 -4.51
CA PRO A 156 0.35 -20.19 -3.41
C PRO A 156 -1.15 -20.46 -3.43
N ILE A 157 -1.95 -19.52 -3.93
CA ILE A 157 -3.38 -19.75 -4.06
C ILE A 157 -3.68 -20.88 -5.08
N ALA A 158 -3.00 -20.86 -6.22
CA ALA A 158 -3.14 -21.90 -7.22
C ALA A 158 -2.73 -23.25 -6.62
N ALA A 159 -1.58 -23.27 -5.96
CA ALA A 159 -1.03 -24.52 -5.38
C ALA A 159 -1.96 -25.15 -4.36
N SER A 160 -2.69 -24.34 -3.61
CA SER A 160 -3.55 -24.87 -2.56
C SER A 160 -4.75 -25.66 -3.08
N ARG A 161 -4.96 -25.66 -4.40
CA ARG A 161 -6.13 -26.33 -4.97
C ARG A 161 -5.81 -27.73 -5.52
N GLY A 162 -4.54 -28.14 -5.39
CA GLY A 162 -4.12 -29.43 -5.90
C GLY A 162 -3.64 -29.35 -7.34
N PRO A 163 -3.52 -30.50 -8.00
CA PRO A 163 -3.07 -30.57 -9.40
C PRO A 163 -3.94 -29.69 -10.30
N LEU A 164 -3.32 -29.10 -11.32
CA LEU A 164 -4.07 -28.26 -12.25
C LEU A 164 -5.01 -29.09 -13.10
N PRO A 165 -6.14 -28.51 -13.51
CA PRO A 165 -6.92 -29.27 -14.50
C PRO A 165 -6.23 -29.20 -15.86
N LYS A 166 -6.68 -30.04 -16.78
CA LYS A 166 -6.23 -29.99 -18.17
C LYS A 166 -6.58 -28.62 -18.72
N GLY A 167 -5.64 -27.98 -19.40
CA GLY A 167 -5.86 -26.63 -19.88
C GLY A 167 -5.24 -25.60 -18.94
N GLY A 168 -5.01 -26.01 -17.70
CA GLY A 168 -4.38 -25.15 -16.72
C GLY A 168 -5.33 -24.15 -16.08
N LEU A 169 -4.78 -23.17 -15.38
CA LEU A 169 -5.59 -22.11 -14.76
C LEU A 169 -5.20 -20.76 -15.33
N ARG A 170 -6.16 -19.84 -15.36
CA ARG A 170 -5.92 -18.48 -15.84
C ARG A 170 -6.44 -17.49 -14.80
N PHE A 171 -5.65 -16.49 -14.47
CA PHE A 171 -6.04 -15.51 -13.45
C PHE A 171 -5.94 -14.10 -13.98
N ASP A 172 -6.80 -13.23 -13.44
CA ASP A 172 -6.78 -11.81 -13.74
C ASP A 172 -6.48 -11.18 -12.38
N VAL A 173 -5.29 -10.59 -12.22
CA VAL A 173 -4.89 -10.05 -10.94
C VAL A 173 -4.56 -8.56 -11.07
N ALA A 174 -4.70 -7.83 -9.98
CA ALA A 174 -4.31 -6.42 -9.93
C ALA A 174 -3.88 -6.06 -8.52
N ALA A 175 -2.95 -5.12 -8.43
CA ALA A 175 -2.51 -4.64 -7.13
C ALA A 175 -1.82 -3.32 -7.33
N ASP A 176 -1.84 -2.47 -6.29
CA ASP A 176 -0.91 -1.34 -6.20
C ASP A 176 0.45 -1.88 -5.81
N CYS A 177 1.43 -1.68 -6.68
CA CYS A 177 2.75 -2.21 -6.47
C CYS A 177 3.72 -1.15 -6.03
N PHE A 178 4.83 -1.59 -5.45
CA PHE A 178 5.85 -0.67 -4.94
C PHE A 178 7.23 -1.07 -5.41
N ARG A 179 8.01 -0.09 -5.83
CA ARG A 179 9.40 -0.33 -6.12
C ARG A 179 10.22 0.84 -5.64
N ARG A 180 11.27 0.52 -4.89
CA ARG A 180 12.03 1.55 -4.21
C ARG A 180 13.01 2.12 -5.21
N GLU A 181 12.51 3.00 -6.07
CA GLU A 181 13.37 3.71 -7.01
C GLU A 181 12.87 5.14 -7.25
N PRO A 182 13.24 6.06 -6.36
CA PRO A 182 12.78 7.45 -6.49
C PRO A 182 13.26 8.06 -7.79
N SER A 183 12.38 8.82 -8.44
CA SER A 183 12.70 9.50 -9.68
C SER A 183 11.71 10.62 -9.82
N LYS A 184 12.07 11.64 -10.58
CA LYS A 184 11.15 12.74 -10.86
C LYS A 184 10.39 12.53 -12.16
N HIS A 185 10.79 11.53 -12.94
CA HIS A 185 10.13 11.27 -14.21
C HIS A 185 8.74 10.69 -14.00
N LEU A 186 7.74 11.22 -14.71
CA LEU A 186 6.35 10.81 -14.53
C LEU A 186 6.09 9.34 -14.95
N ASP A 187 7.00 8.74 -15.70
CA ASP A 187 6.85 7.32 -16.07
C ASP A 187 7.70 6.40 -15.18
N ARG A 188 8.29 6.94 -14.12
CA ARG A 188 9.03 6.12 -13.17
C ARG A 188 8.59 6.41 -11.74
N LEU A 189 7.60 5.66 -11.27
CA LEU A 189 6.93 5.90 -9.99
C LEU A 189 7.41 4.90 -8.96
N GLN A 190 7.24 5.21 -7.68
CA GLN A 190 7.55 4.23 -6.65
C GLN A 190 6.30 3.44 -6.30
N SER A 191 5.15 4.07 -6.46
CA SER A 191 3.89 3.38 -6.21
C SER A 191 3.04 3.47 -7.48
N PHE A 192 2.65 2.31 -8.01
CA PHE A 192 1.95 2.30 -9.30
C PHE A 192 1.01 1.09 -9.40
N ARG A 193 -0.02 1.21 -10.22
CA ARG A 193 -0.99 0.13 -10.37
C ARG A 193 -0.55 -0.84 -11.44
N MET A 194 -0.64 -2.14 -11.14
CA MET A 194 -0.32 -3.20 -12.09
CA MET A 194 -0.31 -3.18 -12.12
C MET A 194 -1.54 -4.06 -12.34
N ARG A 195 -1.77 -4.46 -13.59
CA ARG A 195 -2.83 -5.38 -13.94
C ARG A 195 -2.20 -6.54 -14.72
N GLU A 196 -2.54 -7.78 -14.38
CA GLU A 196 -1.90 -8.93 -15.06
C GLU A 196 -2.88 -10.04 -15.38
N TYR A 197 -2.67 -10.66 -16.54
CA TYR A 197 -3.29 -11.95 -16.81
C TYR A 197 -2.21 -13.03 -16.70
N VAL A 198 -2.49 -14.04 -15.88
CA VAL A 198 -1.52 -15.05 -15.54
C VAL A 198 -2.00 -16.41 -16.02
N CYS A 199 -1.12 -17.16 -16.69
CA CYS A 199 -1.43 -18.53 -17.07
C CYS A 199 -0.52 -19.52 -16.31
N ILE A 200 -1.14 -20.54 -15.73
CA ILE A 200 -0.42 -21.57 -15.01
C ILE A 200 -0.85 -22.91 -15.62
N GLY A 201 0.09 -23.66 -16.18
CA GLY A 201 -0.26 -24.92 -16.85
C GLY A 201 0.94 -25.63 -17.43
N THR A 202 0.74 -26.41 -18.50
CA THR A 202 1.86 -27.05 -19.20
C THR A 202 2.66 -26.02 -20.00
N PRO A 203 3.87 -26.40 -20.46
CA PRO A 203 4.60 -25.53 -21.39
C PRO A 203 3.77 -25.12 -22.61
N ASP A 204 2.98 -26.04 -23.17
CA ASP A 204 2.12 -25.74 -24.32
C ASP A 204 1.00 -24.76 -23.96
N ASP A 205 0.37 -24.96 -22.82
CA ASP A 205 -0.64 -24.00 -22.34
C ASP A 205 -0.05 -22.57 -22.32
N VAL A 206 1.08 -22.42 -21.66
CA VAL A 206 1.69 -21.11 -21.46
C VAL A 206 2.17 -20.51 -22.78
N SER A 207 2.75 -21.34 -23.65
CA SER A 207 3.21 -20.87 -24.95
CA SER A 207 3.20 -20.88 -24.96
C SER A 207 2.03 -20.42 -25.82
N ASP A 208 0.92 -21.14 -25.75
CA ASP A 208 -0.29 -20.73 -26.45
C ASP A 208 -0.81 -19.39 -25.89
N PHE A 209 -0.78 -19.24 -24.57
CA PHE A 209 -1.24 -18.04 -23.88
C PHE A 209 -0.33 -16.87 -24.24
N ARG A 210 0.97 -17.12 -24.26
CA ARG A 210 1.94 -16.10 -24.61
C ARG A 210 1.73 -15.54 -26.02
N GLU A 211 1.56 -16.43 -27.00
CA GLU A 211 1.36 -16.01 -28.38
C GLU A 211 0.10 -15.16 -28.50
N ARG A 212 -0.97 -15.59 -27.83
CA ARG A 212 -2.22 -14.87 -27.84
C ARG A 212 -2.07 -13.45 -27.25
N TRP A 213 -1.41 -13.34 -26.11
CA TRP A 213 -1.32 -12.02 -25.45
C TRP A 213 -0.31 -11.05 -26.06
N MET A 214 0.73 -11.58 -26.68
CA MET A 214 1.60 -10.74 -27.48
C MET A 214 0.80 -10.11 -28.63
N VAL A 215 -0.09 -10.87 -29.25
CA VAL A 215 -0.96 -10.30 -30.28
C VAL A 215 -1.99 -9.31 -29.68
N ARG A 216 -2.67 -9.71 -28.61
CA ARG A 216 -3.72 -8.87 -28.06
C ARG A 216 -3.18 -7.56 -27.46
N ALA A 217 -2.05 -7.63 -26.78
CA ALA A 217 -1.45 -6.43 -26.19
C ALA A 217 -1.14 -5.40 -27.27
N GLN A 218 -0.59 -5.85 -28.40
CA GLN A 218 -0.32 -4.96 -29.52
C GLN A 218 -1.61 -4.39 -30.10
N ALA A 219 -2.67 -5.20 -30.14
CA ALA A 219 -3.93 -4.74 -30.70
C ALA A 219 -4.60 -3.70 -29.80
N ILE A 220 -4.41 -3.84 -28.49
CA ILE A 220 -4.91 -2.87 -27.54
C ILE A 220 -4.16 -1.54 -27.72
N ALA A 221 -2.84 -1.60 -27.78
CA ALA A 221 -2.03 -0.39 -27.95
C ALA A 221 -2.39 0.35 -29.24
N ARG A 222 -2.65 -0.40 -30.30
CA ARG A 222 -3.06 0.19 -31.57
CA ARG A 222 -3.06 0.16 -31.58
C ARG A 222 -4.45 0.81 -31.49
N ASP A 223 -5.39 0.11 -30.85
CA ASP A 223 -6.74 0.70 -30.67
C ASP A 223 -6.68 1.97 -29.83
N LEU A 224 -5.68 2.04 -28.95
CA LEU A 224 -5.51 3.23 -28.10
C LEU A 224 -4.79 4.36 -28.85
N GLY A 225 -4.39 4.10 -30.09
CA GLY A 225 -3.74 5.11 -30.90
C GLY A 225 -2.30 5.35 -30.48
N LEU A 226 -1.71 4.36 -29.81
CA LEU A 226 -0.36 4.54 -29.31
C LEU A 226 0.68 4.05 -30.34
N THR A 227 1.85 4.67 -30.34
CA THR A 227 2.97 4.23 -31.17
C THR A 227 3.88 3.40 -30.30
N PHE A 228 4.35 2.26 -30.81
CA PHE A 228 5.17 1.37 -29.99
C PHE A 228 6.03 0.46 -30.87
N ARG A 229 7.02 -0.16 -30.25
CA ARG A 229 7.64 -1.35 -30.83
C ARG A 229 7.69 -2.43 -29.76
N VAL A 230 7.85 -3.67 -30.17
CA VAL A 230 8.01 -4.74 -29.22
C VAL A 230 9.42 -5.28 -29.35
N ASP A 231 10.00 -5.65 -28.23
CA ASP A 231 11.37 -6.13 -28.24
C ASP A 231 11.57 -7.03 -27.05
N TYR A 232 12.58 -7.87 -27.12
CA TYR A 232 12.93 -8.69 -25.96
CA TYR A 232 12.93 -8.69 -25.96
C TYR A 232 13.76 -7.86 -25.00
N ALA A 233 13.67 -8.19 -23.72
CA ALA A 233 14.34 -7.39 -22.73
C ALA A 233 14.62 -8.23 -21.50
N SER A 234 15.03 -7.58 -20.43
CA SER A 234 15.37 -8.28 -19.21
C SER A 234 14.93 -7.46 -18.01
N ASP A 235 14.60 -8.16 -16.93
CA ASP A 235 14.29 -7.49 -15.68
C ASP A 235 15.58 -6.96 -15.08
N PRO A 236 15.49 -5.93 -14.24
CA PRO A 236 16.70 -5.34 -13.65
C PRO A 236 17.22 -6.16 -12.47
N PHE A 237 17.69 -7.38 -12.71
CA PHE A 237 18.23 -8.21 -11.65
C PHE A 237 19.41 -7.52 -10.99
N PHE A 238 19.59 -7.78 -9.70
CA PHE A 238 20.58 -7.05 -8.89
C PHE A 238 21.95 -7.70 -8.88
N GLY A 239 22.99 -6.88 -8.88
CA GLY A 239 24.34 -7.36 -8.68
C GLY A 239 24.95 -8.16 -9.81
N ARG A 240 26.12 -8.74 -9.53
CA ARG A 240 26.86 -9.49 -10.54
C ARG A 240 26.12 -10.75 -10.97
N ALA A 241 25.52 -11.45 -10.01
CA ALA A 241 24.69 -12.60 -10.33
C ALA A 241 23.54 -12.13 -11.22
N GLY A 242 23.09 -10.91 -10.98
CA GLY A 242 22.02 -10.31 -11.76
C GLY A 242 22.37 -10.08 -13.21
N LYS A 243 23.67 -9.96 -13.50
CA LYS A 243 24.13 -9.78 -14.87
C LYS A 243 23.95 -11.06 -15.68
N MET A 244 24.33 -12.19 -15.08
CA MET A 244 24.13 -13.47 -15.73
C MET A 244 22.64 -13.76 -15.93
N LEU A 245 21.83 -13.44 -14.91
CA LEU A 245 20.40 -13.70 -14.98
C LEU A 245 19.75 -12.90 -16.11
N ALA A 246 20.13 -11.63 -16.23
CA ALA A 246 19.59 -10.76 -17.27
C ALA A 246 20.00 -11.26 -18.65
N ASN A 247 21.26 -11.69 -18.78
CA ASN A 247 21.78 -12.26 -20.02
C ASN A 247 20.98 -13.46 -20.45
N ASN A 248 20.84 -14.42 -19.54
CA ASN A 248 20.05 -15.62 -19.79
C ASN A 248 18.61 -15.32 -20.18
N GLN A 249 18.00 -14.36 -19.48
CA GLN A 249 16.62 -14.01 -19.75
C GLN A 249 16.51 -13.44 -21.16
N ARG A 250 17.40 -12.52 -21.49
CA ARG A 250 17.41 -11.94 -22.84
C ARG A 250 17.71 -12.97 -23.92
N ASP A 251 18.73 -13.80 -23.70
CA ASP A 251 19.09 -14.84 -24.69
C ASP A 251 17.94 -15.79 -24.95
N GLN A 252 17.24 -16.18 -23.88
CA GLN A 252 16.17 -17.16 -23.99
C GLN A 252 14.85 -16.52 -24.39
N GLN A 253 14.85 -15.19 -24.54
CA GLN A 253 13.65 -14.44 -24.92
C GLN A 253 12.48 -14.69 -23.98
N LEU A 254 12.75 -14.66 -22.68
CA LEU A 254 11.71 -14.92 -21.71
C LEU A 254 10.89 -13.66 -21.38
N LYS A 255 11.35 -12.51 -21.85
CA LYS A 255 10.65 -11.26 -21.55
C LYS A 255 10.50 -10.35 -22.77
N PHE A 256 9.27 -10.11 -23.19
CA PHE A 256 8.97 -9.17 -24.26
C PHE A 256 8.38 -7.89 -23.63
N GLU A 257 8.72 -6.73 -24.17
CA GLU A 257 8.17 -5.46 -23.71
C GLU A 257 7.57 -4.72 -24.88
N LEU A 258 6.47 -4.03 -24.63
CA LEU A 258 5.91 -3.12 -25.61
C LEU A 258 6.37 -1.73 -25.17
N LEU A 259 7.13 -1.07 -26.04
CA LEU A 259 7.86 0.13 -25.67
C LEU A 259 7.28 1.32 -26.41
N ILE A 260 6.98 2.38 -25.66
CA ILE A 260 6.33 3.56 -26.23
C ILE A 260 7.27 4.75 -26.05
N PRO A 261 7.52 5.49 -27.14
CA PRO A 261 8.37 6.68 -27.02
C PRO A 261 7.63 7.76 -26.25
N LEU A 262 8.06 8.02 -25.01
CA LEU A 262 7.50 9.12 -24.23
C LEU A 262 8.48 10.30 -24.22
N ARG A 263 9.62 10.14 -23.58
CA ARG A 263 10.61 11.21 -23.57
C ARG A 263 11.53 11.24 -24.79
N SER A 264 11.64 10.11 -25.48
CA SER A 264 12.45 10.04 -26.68
C SER A 264 12.16 8.73 -27.40
N GLU A 265 12.65 8.61 -28.63
CA GLU A 265 12.48 7.37 -29.38
C GLU A 265 13.62 6.40 -29.09
N GLU A 266 14.73 6.93 -28.59
CA GLU A 266 15.90 6.11 -28.29
C GLU A 266 15.80 5.52 -26.90
N GLN A 267 15.00 6.16 -26.05
CA GLN A 267 14.75 5.65 -24.71
C GLN A 267 13.25 5.48 -24.49
N PRO A 268 12.64 4.49 -25.16
CA PRO A 268 11.20 4.34 -25.02
C PRO A 268 10.83 3.77 -23.64
N THR A 269 9.55 3.81 -23.31
CA THR A 269 9.11 3.33 -22.01
C THR A 269 8.30 2.05 -22.12
N ALA A 270 8.69 1.01 -21.39
CA ALA A 270 7.93 -0.25 -21.36
C ALA A 270 6.60 -0.08 -20.62
N CYS A 271 5.50 -0.24 -21.34
CA CYS A 271 4.17 -0.01 -20.76
C CYS A 271 3.38 -1.30 -20.60
N MET A 272 3.81 -2.33 -21.33
CA MET A 272 3.25 -3.68 -21.22
C MET A 272 4.41 -4.65 -21.33
N SER A 273 4.29 -5.80 -20.69
CA SER A 273 5.29 -6.85 -20.85
C SER A 273 4.69 -8.25 -20.89
N PHE A 274 5.42 -9.19 -21.47
CA PHE A 274 5.09 -10.60 -21.28
C PHE A 274 6.28 -11.33 -20.72
N ASN A 275 6.02 -12.07 -19.66
CA ASN A 275 7.05 -12.73 -18.90
C ASN A 275 6.78 -14.22 -18.87
N TYR A 276 7.72 -15.00 -19.39
CA TYR A 276 7.64 -16.46 -19.31
C TYR A 276 8.58 -16.93 -18.21
N HIS A 277 8.06 -17.63 -17.22
CA HIS A 277 8.87 -18.01 -16.05
C HIS A 277 9.38 -19.46 -16.10
N ARG A 278 9.11 -20.16 -17.20
CA ARG A 278 9.28 -21.61 -17.28
C ARG A 278 8.69 -22.26 -16.04
N GLU A 279 9.39 -23.23 -15.46
CA GLU A 279 8.82 -23.94 -14.30
C GLU A 279 9.24 -23.35 -12.95
N HIS A 280 9.87 -22.19 -12.99
CA HIS A 280 10.37 -21.53 -11.76
C HIS A 280 9.38 -21.46 -10.62
N PHE A 281 8.21 -20.85 -10.86
CA PHE A 281 7.21 -20.73 -9.80
C PHE A 281 6.45 -22.03 -9.56
N GLY A 282 6.34 -22.85 -10.60
CA GLY A 282 5.68 -24.14 -10.44
C GLY A 282 6.44 -25.03 -9.47
N THR A 283 7.76 -25.01 -9.58
CA THR A 283 8.61 -25.77 -8.67
CA THR A 283 8.59 -25.79 -8.66
C THR A 283 8.60 -25.16 -7.27
N THR A 284 8.77 -23.85 -7.21
CA THR A 284 8.84 -23.14 -5.95
C THR A 284 7.63 -23.44 -5.09
N TRP A 285 6.47 -23.46 -5.72
CA TRP A 285 5.23 -23.61 -4.97
C TRP A 285 4.63 -25.02 -5.03
N GLY A 286 5.33 -25.95 -5.66
CA GLY A 286 4.79 -27.30 -5.74
C GLY A 286 3.53 -27.38 -6.58
N ILE A 287 3.45 -26.61 -7.65
CA ILE A 287 2.27 -26.67 -8.50
C ILE A 287 2.50 -27.74 -9.56
N GLN A 288 1.59 -28.72 -9.59
CA GLN A 288 1.69 -29.79 -10.57
CA GLN A 288 1.62 -29.84 -10.54
C GLN A 288 0.64 -29.60 -11.67
N ASP A 289 1.09 -29.73 -12.92
CA ASP A 289 0.16 -29.69 -14.05
C ASP A 289 -0.61 -31.00 -14.17
N ALA A 290 -1.46 -31.12 -15.19
CA ALA A 290 -2.36 -32.27 -15.30
C ALA A 290 -1.61 -33.59 -15.61
N ASN A 291 -0.38 -33.49 -16.08
CA ASN A 291 0.47 -34.67 -16.35
C ASN A 291 1.39 -35.00 -15.18
N GLY A 292 1.23 -34.30 -14.06
CA GLY A 292 2.04 -34.57 -12.89
C GLY A 292 3.42 -33.92 -12.92
N GLU A 293 3.64 -33.02 -13.88
CA GLU A 293 4.92 -32.31 -14.00
C GLU A 293 4.84 -30.93 -13.34
N PRO A 294 5.98 -30.39 -12.89
CA PRO A 294 5.97 -29.05 -12.29
C PRO A 294 5.47 -27.98 -13.28
N ALA A 295 4.40 -27.28 -12.93
CA ALA A 295 3.75 -26.37 -13.88
C ALA A 295 4.65 -25.25 -14.38
N HIS A 296 4.43 -24.84 -15.62
CA HIS A 296 5.01 -23.61 -16.12
C HIS A 296 4.02 -22.48 -15.87
N THR A 297 4.54 -21.26 -15.81
CA THR A 297 3.70 -20.08 -15.64
C THR A 297 4.20 -18.99 -16.57
N GLY A 298 3.31 -18.07 -16.91
CA GLY A 298 3.66 -16.90 -17.71
C GLY A 298 2.62 -15.83 -17.46
N CSO A 299 2.94 -14.57 -17.76
CA CSO A 299 1.92 -13.53 -17.58
CB CSO A 299 1.95 -13.08 -16.12
SG CSO A 299 3.46 -12.17 -15.76
C CSO A 299 2.14 -12.36 -18.54
O CSO A 299 3.24 -12.08 -19.00
OD CSO A 299 3.62 -12.38 -14.31
N VAL A 300 1.04 -11.68 -18.85
CA VAL A 300 1.11 -10.41 -19.54
C VAL A 300 0.81 -9.33 -18.50
N ALA A 301 1.64 -8.29 -18.45
CA ALA A 301 1.53 -7.24 -17.43
C ALA A 301 1.23 -5.89 -18.08
N PHE A 302 0.24 -5.18 -17.53
CA PHE A 302 -0.08 -3.83 -17.97
C PHE A 302 0.28 -2.81 -16.90
N GLY A 303 1.17 -1.87 -17.21
CA GLY A 303 1.47 -0.77 -16.30
C GLY A 303 0.41 0.31 -16.47
N MET A 304 -0.58 0.31 -15.59
CA MET A 304 -1.75 1.17 -15.73
C MET A 304 -1.35 2.65 -15.69
N ASP A 305 -0.45 2.99 -14.79
CA ASP A 305 0.00 4.39 -14.71
C ASP A 305 0.89 4.79 -15.88
N ARG A 306 1.73 3.88 -16.37
CA ARG A 306 2.49 4.17 -17.58
C ARG A 306 1.60 4.30 -18.80
N LEU A 307 0.60 3.43 -18.94
CA LEU A 307 -0.31 3.55 -20.08
C LEU A 307 -1.12 4.85 -20.03
N ALA A 308 -1.59 5.22 -18.83
CA ALA A 308 -2.34 6.49 -18.68
C ALA A 308 -1.49 7.69 -19.07
N VAL A 309 -0.28 7.77 -18.51
CA VAL A 309 0.68 8.81 -18.90
C VAL A 309 0.94 8.79 -20.42
N ALA A 310 1.05 7.60 -21.00
CA ALA A 310 1.27 7.49 -22.45
C ALA A 310 0.10 8.05 -23.24
N MET A 311 -1.12 7.75 -22.78
CA MET A 311 -2.32 8.31 -23.41
C MET A 311 -2.33 9.84 -23.37
N PHE A 312 -2.04 10.43 -22.23
CA PHE A 312 -2.05 11.87 -22.12
C PHE A 312 -0.90 12.52 -22.92
N HIS A 313 0.27 11.87 -22.93
CA HIS A 313 1.39 12.38 -23.72
C HIS A 313 1.05 12.32 -25.21
N THR A 314 0.38 11.26 -25.63
CA THR A 314 0.05 11.08 -27.03
C THR A 314 -1.10 11.95 -27.47
N HIS A 315 -2.15 11.98 -26.67
CA HIS A 315 -3.40 12.60 -27.10
C HIS A 315 -3.71 13.92 -26.44
N GLY A 316 -2.94 14.31 -25.43
CA GLY A 316 -3.20 15.57 -24.77
C GLY A 316 -4.18 15.47 -23.60
N THR A 317 -4.30 16.56 -22.85
CA THR A 317 -5.11 16.56 -21.63
C THR A 317 -6.55 17.02 -21.88
N ASP A 318 -6.91 17.24 -23.13
CA ASP A 318 -8.26 17.68 -23.49
C ASP A 318 -9.00 16.52 -24.17
N LEU A 319 -9.84 15.83 -23.40
CA LEU A 319 -10.44 14.58 -23.85
C LEU A 319 -11.35 14.75 -25.07
N SER A 320 -11.99 15.92 -25.18
CA SER A 320 -12.93 16.15 -26.29
C SER A 320 -12.22 16.16 -27.65
N ALA A 321 -10.92 16.45 -27.64
CA ALA A 321 -10.13 16.46 -28.86
C ALA A 321 -9.46 15.11 -29.18
N TRP A 322 -9.61 14.11 -28.30
CA TRP A 322 -9.01 12.80 -28.57
C TRP A 322 -9.61 12.21 -29.85
N PRO A 323 -8.83 11.43 -30.61
CA PRO A 323 -9.34 10.86 -31.87
C PRO A 323 -10.64 10.11 -31.63
N ALA A 324 -11.58 10.25 -32.55
CA ALA A 324 -12.92 9.68 -32.39
C ALA A 324 -12.89 8.18 -32.14
N LYS A 325 -11.97 7.47 -32.80
CA LYS A 325 -11.91 6.02 -32.68
C LYS A 325 -11.42 5.63 -31.29
N VAL A 326 -10.54 6.45 -30.75
CA VAL A 326 -10.00 6.20 -29.42
C VAL A 326 -11.07 6.47 -28.37
N ARG A 327 -11.75 7.60 -28.49
CA ARG A 327 -12.88 7.91 -27.63
C ARG A 327 -13.91 6.77 -27.69
N ASP A 328 -14.19 6.25 -28.89
CA ASP A 328 -15.19 5.19 -29.02
C ASP A 328 -14.72 3.90 -28.33
N ILE A 329 -13.48 3.51 -28.62
CA ILE A 329 -12.84 2.38 -27.97
C ILE A 329 -12.90 2.45 -26.45
N LEU A 330 -12.71 3.65 -25.89
CA LEU A 330 -12.72 3.80 -24.43
C LEU A 330 -14.12 4.03 -23.87
N GLY A 331 -15.11 4.12 -24.75
CA GLY A 331 -16.46 4.44 -24.29
C GLY A 331 -16.64 5.85 -23.75
N LEU A 332 -16.01 6.85 -24.36
CA LEU A 332 -16.17 8.24 -23.94
C LEU A 332 -17.36 8.90 -24.64
N ALA B 37 -18.56 -19.03 17.88
CA ALA B 37 -17.65 -18.54 16.86
C ALA B 37 -18.20 -17.29 16.17
N ASP B 38 -17.32 -16.55 15.51
CA ASP B 38 -17.67 -15.32 14.82
C ASP B 38 -18.68 -15.59 13.70
N PRO B 39 -19.83 -14.89 13.74
CA PRO B 39 -20.89 -15.01 12.72
C PRO B 39 -20.38 -14.64 11.33
N LEU B 40 -19.28 -13.89 11.28
CA LEU B 40 -18.75 -13.43 10.00
C LEU B 40 -17.90 -14.48 9.33
N ASP B 41 -17.29 -15.36 10.13
CA ASP B 41 -16.32 -16.33 9.62
C ASP B 41 -16.75 -17.06 8.36
N HIS B 42 -18.03 -17.45 8.30
CA HIS B 42 -18.50 -18.28 7.20
C HIS B 42 -18.53 -17.51 5.88
N LEU B 43 -18.44 -16.18 5.94
CA LEU B 43 -18.45 -15.36 4.73
C LEU B 43 -17.15 -15.54 3.95
N ALA B 44 -16.07 -15.82 4.67
CA ALA B 44 -14.73 -15.90 4.08
C ALA B 44 -14.66 -16.68 2.77
N ASP B 45 -15.34 -17.82 2.73
CA ASP B 45 -15.27 -18.71 1.58
CA ASP B 45 -15.28 -18.73 1.57
C ASP B 45 -15.66 -18.05 0.26
N LYS B 46 -16.68 -17.20 0.29
CA LYS B 46 -17.16 -16.57 -0.93
C LYS B 46 -16.48 -15.24 -1.26
N LEU B 47 -15.88 -14.62 -0.24
CA LEU B 47 -15.40 -13.25 -0.37
C LEU B 47 -13.88 -13.12 -0.51
N PHE B 48 -13.14 -14.00 0.16
CA PHE B 48 -11.70 -13.81 0.36
C PHE B 48 -10.89 -15.08 0.06
N HIS B 49 -9.61 -14.90 -0.25
CA HIS B 49 -8.66 -16.01 -0.23
C HIS B 49 -7.53 -15.61 0.70
N SER B 50 -6.97 -16.58 1.39
CA SER B 50 -5.90 -16.31 2.33
C SER B 50 -4.65 -15.83 1.61
N MET B 51 -3.95 -14.90 2.23
CA MET B 51 -2.67 -14.45 1.72
C MET B 51 -1.55 -14.70 2.73
N GLY B 52 -1.83 -15.58 3.70
CA GLY B 52 -0.84 -15.99 4.67
C GLY B 52 -0.61 -14.93 5.73
N SER B 53 -1.62 -14.11 6.00
CA SER B 53 -1.47 -13.02 6.96
C SER B 53 -2.81 -12.48 7.46
N ASP B 54 -3.01 -12.51 8.76
CA ASP B 54 -4.26 -12.07 9.35
C ASP B 54 -4.55 -10.61 8.97
N GLY B 55 -5.75 -10.37 8.44
CA GLY B 55 -6.15 -9.01 8.12
C GLY B 55 -5.66 -8.55 6.77
N VAL B 56 -5.10 -9.47 5.98
CA VAL B 56 -4.68 -9.18 4.62
C VAL B 56 -5.18 -10.32 3.71
N TYR B 57 -6.15 -10.01 2.87
CA TYR B 57 -6.83 -11.02 2.06
C TYR B 57 -6.90 -10.63 0.60
N ALA B 58 -6.92 -11.64 -0.27
CA ALA B 58 -7.24 -11.45 -1.67
C ALA B 58 -8.77 -11.33 -1.78
N ARG B 59 -9.25 -10.49 -2.69
CA ARG B 59 -10.66 -10.27 -2.84
C ARG B 59 -11.19 -10.99 -4.08
N THR B 60 -12.30 -11.71 -3.92
CA THR B 60 -12.92 -12.42 -5.04
C THR B 60 -13.72 -11.46 -5.90
N ALA B 61 -14.09 -11.91 -7.10
CA ALA B 61 -14.86 -11.10 -8.03
C ALA B 61 -16.20 -10.70 -7.39
N LEU B 62 -16.78 -11.61 -6.63
CA LEU B 62 -18.06 -11.35 -5.98
C LEU B 62 -17.92 -10.17 -5.03
N TYR B 63 -16.95 -10.26 -4.13
CA TYR B 63 -16.71 -9.22 -3.13
C TYR B 63 -16.42 -7.88 -3.78
N GLU B 64 -15.51 -7.87 -4.74
CA GLU B 64 -15.09 -6.61 -5.33
CA GLU B 64 -15.07 -6.65 -5.41
C GLU B 64 -16.20 -5.97 -6.17
N SER B 65 -17.13 -6.77 -6.72
CA SER B 65 -18.25 -6.17 -7.44
C SER B 65 -19.10 -5.32 -6.48
N ILE B 66 -19.21 -5.76 -5.23
CA ILE B 66 -19.99 -5.02 -4.24
C ILE B 66 -19.25 -3.80 -3.69
N VAL B 67 -17.94 -3.93 -3.47
CA VAL B 67 -17.13 -2.77 -3.10
C VAL B 67 -17.27 -1.68 -4.15
N GLU B 68 -17.20 -2.08 -5.42
CA GLU B 68 -17.34 -1.16 -6.53
C GLU B 68 -18.72 -0.51 -6.61
N ARG B 69 -19.79 -1.27 -6.39
CA ARG B 69 -21.11 -0.66 -6.43
CA ARG B 69 -21.14 -0.72 -6.38
C ARG B 69 -21.30 0.29 -5.25
N LEU B 70 -20.75 -0.05 -4.09
CA LEU B 70 -20.84 0.83 -2.92
C LEU B 70 -20.11 2.15 -3.20
N ALA B 71 -18.94 2.05 -3.84
CA ALA B 71 -18.17 3.24 -4.19
C ALA B 71 -18.95 4.11 -5.17
N ALA B 72 -19.60 3.50 -6.16
CA ALA B 72 -20.36 4.30 -7.12
C ALA B 72 -21.57 4.95 -6.44
N LEU B 73 -22.17 4.24 -5.49
CA LEU B 73 -23.33 4.79 -4.77
C LEU B 73 -22.90 6.02 -3.97
N ILE B 74 -21.74 5.93 -3.30
CA ILE B 74 -21.21 7.04 -2.54
C ILE B 74 -20.89 8.23 -3.45
N THR B 75 -20.32 7.94 -4.62
CA THR B 75 -20.01 8.97 -5.61
C THR B 75 -21.26 9.71 -6.10
N SER B 76 -22.33 8.95 -6.32
CA SER B 76 -23.61 9.53 -6.76
C SER B 76 -24.16 10.52 -5.73
N HIS B 77 -23.73 10.43 -4.48
CA HIS B 77 -24.20 11.39 -3.46
C HIS B 77 -23.23 12.54 -3.20
N ARG B 78 -22.17 12.63 -4.00
CA ARG B 78 -21.19 13.72 -3.87
C ARG B 78 -21.82 15.10 -4.05
N GLU B 79 -21.47 16.05 -3.20
CA GLU B 79 -21.96 17.43 -3.36
C GLU B 79 -21.26 18.14 -4.52
N ALA B 80 -21.99 19.03 -5.19
CA ALA B 80 -21.41 19.89 -6.22
C ALA B 80 -20.21 20.66 -5.67
N GLY B 81 -19.23 20.93 -6.53
CA GLY B 81 -18.09 21.75 -6.09
C GLY B 81 -17.09 20.99 -5.22
N THR B 82 -17.08 19.67 -5.32
CA THR B 82 -16.17 18.82 -4.53
C THR B 82 -15.05 18.28 -5.42
N GLU B 83 -13.81 18.54 -5.05
CA GLU B 83 -12.65 18.11 -5.84
C GLU B 83 -12.19 16.66 -5.48
N ALA B 84 -12.25 15.77 -6.44
CA ALA B 84 -11.86 14.38 -6.24
C ALA B 84 -10.34 14.13 -6.42
N LEU B 85 -9.70 13.58 -5.39
CA LEU B 85 -8.29 13.15 -5.48
C LEU B 85 -8.17 11.69 -5.08
N ARG B 86 -7.28 10.96 -5.74
CA ARG B 86 -7.00 9.58 -5.34
C ARG B 86 -5.53 9.46 -4.90
N PHE B 87 -5.30 8.89 -3.73
CA PHE B 87 -3.96 8.80 -3.18
C PHE B 87 -3.45 7.36 -3.27
N PRO B 88 -2.14 7.20 -3.45
CA PRO B 88 -1.53 5.86 -3.44
C PRO B 88 -1.51 5.30 -2.01
N PRO B 89 -1.04 4.06 -1.82
CA PRO B 89 -1.07 3.52 -0.46
C PRO B 89 0.08 3.99 0.44
N VAL B 90 0.94 4.85 -0.06
CA VAL B 90 2.01 5.38 0.76
C VAL B 90 1.95 6.90 0.71
N MET B 91 2.52 7.54 1.72
CA MET B 91 2.62 8.99 1.73
C MET B 91 3.92 9.37 2.40
N SER B 92 4.26 10.66 2.38
CA SER B 92 5.47 11.19 2.98
C SER B 92 5.52 10.95 4.49
N ARG B 93 6.62 10.38 4.96
CA ARG B 93 6.80 10.22 6.41
C ARG B 93 6.91 11.59 7.11
N ALA B 94 7.63 12.53 6.50
CA ALA B 94 7.71 13.89 7.06
C ALA B 94 6.32 14.53 7.22
N GLN B 95 5.46 14.36 6.22
CA GLN B 95 4.10 14.91 6.33
C GLN B 95 3.30 14.24 7.44
N LEU B 96 3.41 12.93 7.55
CA LEU B 96 2.68 12.24 8.60
C LEU B 96 3.17 12.61 10.01
N GLU B 97 4.49 12.75 10.18
CA GLU B 97 5.07 13.19 11.44
C GLU B 97 4.52 14.56 11.83
N LYS B 98 4.53 15.47 10.87
CA LYS B 98 4.05 16.83 11.08
C LYS B 98 2.58 16.88 11.47
N SER B 99 1.78 15.95 10.96
CA SER B 99 0.35 15.97 11.26
CA SER B 99 0.34 15.90 11.23
C SER B 99 0.06 15.40 12.64
N GLY B 100 1.11 14.98 13.34
CA GLY B 100 0.99 14.58 14.72
C GLY B 100 0.63 13.12 14.93
N TYR B 101 0.79 12.31 13.89
CA TYR B 101 0.37 10.92 13.98
C TYR B 101 1.16 10.12 15.04
N LEU B 102 2.42 10.49 15.26
CA LEU B 102 3.26 9.80 16.25
C LEU B 102 2.85 10.05 17.68
N LYS B 103 2.30 11.22 17.97
CA LYS B 103 1.85 11.50 19.32
C LYS B 103 0.49 10.85 19.60
N SER B 104 -0.17 10.35 18.55
CA SER B 104 -1.54 9.86 18.71
C SER B 104 -1.69 8.36 18.53
N PHE B 105 -1.13 7.83 17.45
CA PHE B 105 -1.28 6.41 17.16
C PHE B 105 0.02 5.73 16.74
N PRO B 106 1.11 5.93 17.50
CA PRO B 106 2.40 5.37 17.06
C PRO B 106 2.38 3.85 16.88
N ASN B 107 1.54 3.18 17.65
CA ASN B 107 1.44 1.73 17.60
C ASN B 107 0.77 1.18 16.35
N LEU B 108 0.11 2.04 15.57
CA LEU B 108 -0.66 1.57 14.43
C LEU B 108 0.06 1.83 13.13
N LEU B 109 1.12 2.64 13.20
CA LEU B 109 1.80 3.12 12.00
C LEU B 109 2.59 2.01 11.29
N GLY B 110 2.52 1.99 9.96
CA GLY B 110 3.39 1.15 9.16
C GLY B 110 4.37 2.04 8.41
N CYS B 111 5.67 1.84 8.63
CA CYS B 111 6.69 2.63 7.93
CA CYS B 111 6.67 2.62 7.92
C CYS B 111 7.28 1.78 6.80
N VAL B 112 7.78 2.44 5.77
CA VAL B 112 8.41 1.70 4.70
C VAL B 112 9.90 1.68 4.97
N CYS B 113 10.49 0.50 4.99
CA CYS B 113 11.94 0.37 5.09
CA CYS B 113 11.94 0.38 5.07
C CYS B 113 12.49 -0.41 3.89
N GLY B 114 13.77 -0.21 3.58
CA GLY B 114 14.37 -0.90 2.47
C GLY B 114 15.84 -1.19 2.69
N LEU B 115 16.44 -1.87 1.72
CA LEU B 115 17.85 -2.20 1.77
C LEU B 115 18.58 -1.10 1.03
N HIS B 116 19.10 -0.13 1.77
CA HIS B 116 19.69 1.08 1.19
C HIS B 116 21.20 1.02 1.14
N GLY B 117 21.79 -0.10 1.58
CA GLY B 117 23.24 -0.21 1.66
C GLY B 117 23.95 -0.45 0.34
N THR B 118 25.22 -0.81 0.42
CA THR B 118 25.99 -1.11 -0.78
C THR B 118 25.68 -2.49 -1.31
N GLU B 119 26.17 -2.79 -2.51
CA GLU B 119 25.95 -4.09 -3.11
C GLU B 119 26.50 -5.21 -2.23
N ARG B 120 27.69 -5.02 -1.70
CA ARG B 120 28.29 -5.97 -0.75
C ARG B 120 27.39 -6.22 0.47
N GLU B 121 26.93 -5.14 1.09
CA GLU B 121 26.06 -5.23 2.25
C GLU B 121 24.76 -5.98 1.97
N ILE B 122 24.13 -5.67 0.84
CA ILE B 122 22.88 -6.29 0.48
C ILE B 122 23.07 -7.77 0.20
N ASN B 123 24.12 -8.10 -0.54
CA ASN B 123 24.46 -9.51 -0.78
C ASN B 123 24.72 -10.29 0.52
N ALA B 124 25.40 -9.67 1.46
CA ALA B 124 25.60 -10.31 2.75
C ALA B 124 24.27 -10.57 3.49
N ALA B 125 23.36 -9.60 3.45
CA ALA B 125 22.06 -9.77 4.12
C ALA B 125 21.30 -10.94 3.50
N VAL B 126 21.33 -11.01 2.18
CA VAL B 126 20.71 -12.14 1.49
C VAL B 126 21.41 -13.45 1.86
N SER B 127 22.74 -13.43 1.92
CA SER B 127 23.45 -14.64 2.31
C SER B 127 23.12 -15.08 3.76
N ARG B 128 22.85 -14.14 4.65
CA ARG B 128 22.49 -14.52 6.03
C ARG B 128 21.15 -15.25 6.03
N PHE B 129 20.25 -14.77 5.16
CA PHE B 129 18.96 -15.41 5.01
C PHE B 129 19.11 -16.86 4.50
N ASP B 130 19.98 -17.07 3.51
CA ASP B 130 20.28 -18.42 3.03
C ASP B 130 20.84 -19.32 4.11
N ALA B 131 21.46 -18.72 5.12
CA ALA B 131 22.12 -19.48 6.18
C ALA B 131 21.32 -19.49 7.49
N GLY B 132 20.01 -19.27 7.39
CA GLY B 132 19.12 -19.41 8.53
C GLY B 132 18.99 -18.16 9.42
N GLY B 133 19.60 -17.06 9.00
CA GLY B 133 19.57 -15.83 9.79
C GLY B 133 18.53 -14.85 9.29
N ASP B 134 18.63 -13.60 9.73
CA ASP B 134 17.62 -12.58 9.46
C ASP B 134 18.21 -11.53 8.52
N TRP B 135 17.73 -11.46 7.27
CA TRP B 135 18.20 -10.41 6.35
C TRP B 135 17.72 -9.00 6.73
N THR B 136 16.65 -8.89 7.52
CA THR B 136 16.04 -7.59 7.79
C THR B 136 16.87 -6.65 8.69
N THR B 137 17.93 -7.19 9.29
CA THR B 137 18.84 -6.34 10.07
C THR B 137 19.55 -5.31 9.19
N SER B 138 19.54 -5.53 7.87
CA SER B 138 20.11 -4.54 6.97
C SER B 138 19.10 -3.48 6.48
N LEU B 139 17.88 -3.50 6.98
CA LEU B 139 16.88 -2.49 6.59
C LEU B 139 17.15 -1.16 7.24
N SER B 140 16.82 -0.08 6.52
CA SER B 140 16.75 1.26 7.10
C SER B 140 15.49 1.97 6.59
N PRO B 141 15.02 2.99 7.34
CA PRO B 141 13.75 3.65 7.00
C PRO B 141 13.85 4.42 5.71
N ALA B 142 12.80 4.34 4.90
CA ALA B 142 12.66 5.23 3.77
C ALA B 142 12.00 6.52 4.25
N ASP B 143 11.76 7.44 3.32
CA ASP B 143 11.02 8.67 3.59
C ASP B 143 9.50 8.50 3.39
N LEU B 144 9.02 7.27 3.42
CA LEU B 144 7.61 6.97 3.19
C LEU B 144 7.00 6.14 4.30
N VAL B 145 5.72 6.34 4.53
CA VAL B 145 4.95 5.44 5.38
C VAL B 145 3.72 4.95 4.62
N LEU B 146 3.13 3.84 5.05
CA LEU B 146 1.82 3.45 4.54
CA LEU B 146 1.81 3.42 4.58
C LEU B 146 0.76 4.38 5.14
N SER B 147 -0.13 4.85 4.29
CA SER B 147 -1.14 5.81 4.72
CA SER B 147 -1.14 5.82 4.73
C SER B 147 -2.12 5.22 5.75
N PRO B 148 -2.25 5.88 6.91
CA PRO B 148 -3.19 5.34 7.92
C PRO B 148 -4.64 5.81 7.75
N ALA B 149 -4.82 6.87 6.98
CA ALA B 149 -6.14 7.43 6.70
C ALA B 149 -6.01 8.21 5.41
N ALA B 150 -7.08 8.26 4.63
CA ALA B 150 -7.06 8.92 3.32
C ALA B 150 -6.93 10.43 3.35
N CYS B 151 -7.34 11.08 4.44
CA CYS B 151 -7.38 12.54 4.44
C CYS B 151 -6.01 13.20 4.57
N TYR B 152 -5.06 12.57 5.27
CA TYR B 152 -3.79 13.25 5.63
C TYR B 152 -3.12 14.03 4.50
N PRO B 153 -2.99 13.44 3.30
CA PRO B 153 -2.25 14.19 2.28
C PRO B 153 -3.00 15.39 1.74
N VAL B 154 -4.30 15.50 2.01
CA VAL B 154 -5.06 16.61 1.43
C VAL B 154 -4.72 17.99 2.06
N TYR B 155 -4.31 17.99 3.31
CA TYR B 155 -4.10 19.26 4.02
C TYR B 155 -2.96 20.13 3.48
N PRO B 156 -1.77 19.53 3.26
CA PRO B 156 -0.76 20.36 2.59
C PRO B 156 -1.13 20.75 1.17
N ILE B 157 -1.89 19.92 0.47
CA ILE B 157 -2.30 20.30 -0.88
C ILE B 157 -3.20 21.54 -0.82
N ALA B 158 -4.13 21.54 0.12
CA ALA B 158 -5.04 22.66 0.26
C ALA B 158 -4.25 23.90 0.71
N ALA B 159 -3.39 23.72 1.69
CA ALA B 159 -2.53 24.79 2.19
C ALA B 159 -1.73 25.49 1.08
N SER B 160 -1.28 24.73 0.09
CA SER B 160 -0.44 25.29 -0.97
C SER B 160 -1.19 26.26 -1.88
N ARG B 161 -2.51 26.31 -1.76
CA ARG B 161 -3.30 27.15 -2.64
C ARG B 161 -3.56 28.56 -2.10
N GLY B 162 -3.09 28.85 -0.89
CA GLY B 162 -3.34 30.15 -0.29
C GLY B 162 -4.61 30.15 0.54
N PRO B 163 -5.17 31.34 0.82
CA PRO B 163 -6.35 31.42 1.69
C PRO B 163 -7.54 30.73 1.05
N LEU B 164 -8.38 30.09 1.85
CA LEU B 164 -9.57 29.43 1.34
C LEU B 164 -10.54 30.45 0.75
N PRO B 165 -11.35 30.02 -0.23
CA PRO B 165 -12.41 30.92 -0.70
C PRO B 165 -13.54 30.90 0.33
N LYS B 166 -14.47 31.85 0.20
CA LYS B 166 -15.64 31.87 1.06
C LYS B 166 -16.42 30.58 0.84
N GLY B 167 -16.83 29.94 1.94
CA GLY B 167 -17.48 28.64 1.84
C GLY B 167 -16.50 27.48 2.03
N GLY B 168 -15.22 27.76 1.85
CA GLY B 168 -14.17 26.78 2.07
C GLY B 168 -14.03 25.82 0.90
N LEU B 169 -13.30 24.73 1.12
CA LEU B 169 -13.03 23.74 0.10
C LEU B 169 -13.55 22.39 0.54
N ARG B 170 -14.00 21.60 -0.44
CA ARG B 170 -14.41 20.23 -0.18
C ARG B 170 -13.71 19.25 -1.13
N PHE B 171 -13.28 18.13 -0.58
CA PHE B 171 -12.53 17.12 -1.33
C PHE B 171 -13.19 15.77 -1.15
N ASP B 172 -13.08 14.98 -2.20
CA ASP B 172 -13.50 13.58 -2.23
C ASP B 172 -12.20 12.82 -2.35
N VAL B 173 -11.81 12.09 -1.31
CA VAL B 173 -10.52 11.40 -1.33
C VAL B 173 -10.69 9.91 -1.07
N ALA B 174 -9.74 9.12 -1.58
CA ALA B 174 -9.71 7.70 -1.28
C ALA B 174 -8.29 7.21 -1.26
N ALA B 175 -8.03 6.18 -0.46
CA ALA B 175 -6.74 5.49 -0.47
C ALA B 175 -6.91 4.10 0.13
N ASP B 176 -6.01 3.19 -0.26
CA ASP B 176 -5.81 1.97 0.54
C ASP B 176 -4.99 2.36 1.76
N CYS B 177 -5.55 2.13 2.94
CA CYS B 177 -4.95 2.51 4.20
C CYS B 177 -4.42 1.31 4.96
N PHE B 178 -3.55 1.59 5.92
CA PHE B 178 -2.93 0.54 6.69
C PHE B 178 -2.93 0.90 8.16
N ARG B 179 -3.25 -0.07 9.00
CA ARG B 179 -3.11 0.08 10.44
C ARG B 179 -2.59 -1.23 10.96
N ARG B 180 -1.53 -1.15 11.76
N ARG B 180 -1.55 -1.16 11.78
CA ARG B 180 -0.91 -2.35 12.30
CA ARG B 180 -0.87 -2.36 12.25
C ARG B 180 -1.76 -2.91 13.43
C ARG B 180 -1.66 -3.02 13.39
N GLU B 181 -2.77 -3.68 13.06
CA GLU B 181 -3.59 -4.39 14.04
C GLU B 181 -4.10 -5.72 13.52
N PRO B 182 -3.25 -6.75 13.58
CA PRO B 182 -3.61 -8.09 13.08
C PRO B 182 -4.79 -8.67 13.86
N SER B 183 -5.74 -9.23 13.13
CA SER B 183 -6.89 -9.86 13.75
C SER B 183 -7.40 -10.89 12.76
N LYS B 184 -8.12 -11.89 13.24
CA LYS B 184 -8.71 -12.87 12.33
C LYS B 184 -10.14 -12.49 11.98
N HIS B 185 -10.65 -11.45 12.63
CA HIS B 185 -12.01 -10.99 12.35
C HIS B 185 -12.06 -10.27 10.99
N LEU B 186 -13.06 -10.64 10.19
CA LEU B 186 -13.20 -10.10 8.85
C LEU B 186 -13.54 -8.61 8.84
N ASP B 187 -14.00 -8.07 9.97
CA ASP B 187 -14.26 -6.64 10.06
C ASP B 187 -13.09 -5.86 10.66
N ARG B 188 -11.96 -6.54 10.87
CA ARG B 188 -10.78 -5.85 11.37
C ARG B 188 -9.54 -6.20 10.58
N LEU B 189 -9.24 -5.37 9.60
CA LEU B 189 -8.22 -5.67 8.60
C LEU B 189 -6.99 -4.84 8.84
N GLN B 190 -5.87 -5.27 8.28
CA GLN B 190 -4.66 -4.43 8.36
C GLN B 190 -4.56 -3.51 7.15
N SER B 191 -5.06 -3.97 6.02
CA SER B 191 -5.01 -3.18 4.79
C SER B 191 -6.46 -3.08 4.32
N PHE B 192 -6.96 -1.86 4.14
CA PHE B 192 -8.38 -1.69 3.81
C PHE B 192 -8.62 -0.37 3.05
N ARG B 193 -9.70 -0.30 2.29
CA ARG B 193 -9.99 0.88 1.49
C ARG B 193 -10.80 1.90 2.29
N MET B 194 -10.34 3.15 2.29
CA MET B 194 -11.12 4.22 2.91
CA MET B 194 -11.06 4.25 2.90
C MET B 194 -11.52 5.24 1.85
N ARG B 195 -12.77 5.69 1.93
CA ARG B 195 -13.30 6.74 1.08
C ARG B 195 -13.69 7.88 2.03
N GLU B 196 -13.28 9.11 1.75
CA GLU B 196 -13.69 10.24 2.60
C GLU B 196 -14.14 11.49 1.84
N TYR B 197 -15.08 12.23 2.44
CA TYR B 197 -15.32 13.61 2.02
C TYR B 197 -14.78 14.50 3.12
N VAL B 198 -14.03 15.52 2.71
CA VAL B 198 -13.30 16.38 3.64
C VAL B 198 -13.75 17.82 3.42
N CYS B 199 -14.01 18.55 4.50
CA CYS B 199 -14.33 19.97 4.38
C CYS B 199 -13.28 20.80 5.11
N ILE B 200 -12.83 21.87 4.47
CA ILE B 200 -11.86 22.75 5.08
C ILE B 200 -12.44 24.15 4.96
N GLY B 201 -12.62 24.83 6.08
CA GLY B 201 -13.28 26.13 6.09
C GLY B 201 -13.43 26.72 7.49
N THR B 202 -14.39 27.65 7.64
CA THR B 202 -14.71 28.21 8.94
C THR B 202 -15.37 27.15 9.82
N PRO B 203 -15.46 27.38 11.15
CA PRO B 203 -16.22 26.46 12.00
C PRO B 203 -17.64 26.18 11.46
N ASP B 204 -18.34 27.21 11.00
CA ASP B 204 -19.70 26.98 10.49
C ASP B 204 -19.73 26.16 9.18
N ASP B 205 -18.81 26.43 8.26
CA ASP B 205 -18.72 25.64 7.03
C ASP B 205 -18.63 24.16 7.39
N VAL B 206 -17.76 23.86 8.34
CA VAL B 206 -17.40 22.49 8.65
C VAL B 206 -18.47 21.78 9.46
N SER B 207 -19.00 22.44 10.49
CA SER B 207 -20.08 21.81 11.25
C SER B 207 -21.34 21.58 10.42
N ASP B 208 -21.70 22.52 9.55
CA ASP B 208 -22.84 22.25 8.67
C ASP B 208 -22.56 21.06 7.73
N PHE B 209 -21.33 21.00 7.21
CA PHE B 209 -20.92 19.89 6.32
C PHE B 209 -21.12 18.56 7.04
N ARG B 210 -20.65 18.50 8.28
CA ARG B 210 -20.74 17.25 9.00
C ARG B 210 -22.18 16.86 9.28
N GLU B 211 -23.03 17.84 9.60
CA GLU B 211 -24.44 17.55 9.82
CA GLU B 211 -24.46 17.59 9.81
C GLU B 211 -25.13 17.09 8.54
N ARG B 212 -24.84 17.75 7.42
CA ARG B 212 -25.39 17.32 6.14
C ARG B 212 -25.07 15.85 5.89
N TRP B 213 -23.82 15.48 6.15
CA TRP B 213 -23.35 14.12 5.85
C TRP B 213 -23.85 13.07 6.85
N MET B 214 -24.06 13.48 8.10
CA MET B 214 -24.59 12.53 9.07
C MET B 214 -25.99 12.12 8.73
N VAL B 215 -26.79 13.06 8.23
CA VAL B 215 -28.14 12.73 7.80
C VAL B 215 -28.09 11.87 6.51
N ARG B 216 -27.32 12.34 5.54
CA ARG B 216 -27.24 11.70 4.24
C ARG B 216 -26.71 10.26 4.34
N ALA B 217 -25.70 10.06 5.19
CA ALA B 217 -25.11 8.72 5.37
C ALA B 217 -26.11 7.74 5.96
N GLN B 218 -26.91 8.20 6.91
CA GLN B 218 -27.92 7.34 7.51
C GLN B 218 -28.99 6.98 6.49
N ALA B 219 -29.35 7.92 5.62
CA ALA B 219 -30.33 7.63 4.60
C ALA B 219 -29.79 6.58 3.64
N ILE B 220 -28.49 6.66 3.34
CA ILE B 220 -27.86 5.67 2.46
C ILE B 220 -27.88 4.29 3.12
N ALA B 221 -27.47 4.23 4.39
CA ALA B 221 -27.50 2.98 5.15
C ALA B 221 -28.91 2.36 5.20
N ARG B 222 -29.94 3.18 5.35
CA ARG B 222 -31.32 2.67 5.31
CA ARG B 222 -31.31 2.67 5.32
C ARG B 222 -31.70 2.14 3.93
N ASP B 223 -31.33 2.88 2.88
CA ASP B 223 -31.57 2.42 1.50
C ASP B 223 -30.87 1.08 1.23
N LEU B 224 -29.76 0.84 1.92
CA LEU B 224 -29.01 -0.38 1.70
C LEU B 224 -29.55 -1.50 2.56
N GLY B 225 -30.62 -1.23 3.30
CA GLY B 225 -31.23 -2.22 4.17
C GLY B 225 -30.38 -2.57 5.38
N LEU B 226 -29.50 -1.67 5.80
CA LEU B 226 -28.63 -1.96 6.91
C LEU B 226 -29.29 -1.55 8.24
N THR B 227 -28.97 -2.27 9.31
CA THR B 227 -29.41 -1.96 10.65
C THR B 227 -28.26 -1.29 11.35
N PHE B 228 -28.53 -0.17 12.02
CA PHE B 228 -27.45 0.60 12.61
C PHE B 228 -27.97 1.52 13.68
N ARG B 229 -27.06 2.07 14.46
CA ARG B 229 -27.34 3.27 15.22
C ARG B 229 -26.13 4.19 15.10
N VAL B 230 -26.34 5.46 15.40
CA VAL B 230 -25.26 6.42 15.37
C VAL B 230 -24.98 6.88 16.79
N ASP B 231 -23.73 6.71 17.23
CA ASP B 231 -23.35 7.13 18.56
C ASP B 231 -22.03 7.91 18.50
N TYR B 232 -21.77 8.71 19.53
CA TYR B 232 -20.50 9.42 19.58
C TYR B 232 -19.44 8.45 20.05
N ALA B 233 -18.18 8.78 19.81
CA ALA B 233 -17.13 7.85 20.07
C ALA B 233 -15.80 8.59 20.15
N SER B 234 -14.72 7.82 20.17
CA SER B 234 -13.40 8.40 20.24
C SER B 234 -12.42 7.52 19.46
N ASP B 235 -11.41 8.14 18.87
CA ASP B 235 -10.32 7.40 18.23
C ASP B 235 -9.48 6.63 19.27
N PRO B 236 -8.71 5.62 18.83
CA PRO B 236 -7.94 4.84 19.81
C PRO B 236 -6.57 5.45 20.12
N PHE B 237 -6.57 6.68 20.61
CA PHE B 237 -5.34 7.34 21.03
C PHE B 237 -4.56 6.42 21.96
N PHE B 238 -3.23 6.45 21.82
CA PHE B 238 -2.35 5.49 22.47
C PHE B 238 -1.91 5.97 23.86
N GLY B 239 -1.80 5.06 24.82
CA GLY B 239 -1.15 5.37 26.10
C GLY B 239 -1.98 6.19 27.09
N ARG B 240 -1.37 6.53 28.23
CA ARG B 240 -2.03 7.34 29.27
C ARG B 240 -2.57 8.65 28.71
N ALA B 241 -1.68 9.38 28.06
CA ALA B 241 -2.00 10.63 27.38
C ALA B 241 -3.18 10.48 26.43
N GLY B 242 -3.31 9.29 25.84
CA GLY B 242 -4.39 9.00 24.92
C GLY B 242 -5.77 8.89 25.56
N LYS B 243 -5.82 8.40 26.79
CA LYS B 243 -7.09 8.28 27.52
C LYS B 243 -7.72 9.66 27.71
N MET B 244 -6.88 10.68 27.89
CA MET B 244 -7.36 12.03 28.06
C MET B 244 -7.91 12.59 26.75
N LEU B 245 -7.14 12.45 25.67
CA LEU B 245 -7.59 12.88 24.34
C LEU B 245 -8.89 12.17 23.96
N ALA B 246 -8.98 10.90 24.28
CA ALA B 246 -10.18 10.12 23.99
C ALA B 246 -11.37 10.62 24.81
N ASN B 247 -11.11 10.94 26.08
CA ASN B 247 -12.14 11.54 26.94
C ASN B 247 -12.65 12.87 26.41
N ASN B 248 -11.73 13.77 26.07
CA ASN B 248 -12.13 15.07 25.52
C ASN B 248 -12.87 14.96 24.18
N GLN B 249 -12.46 14.01 23.35
CA GLN B 249 -13.05 13.86 22.03
C GLN B 249 -14.49 13.42 22.17
N ARG B 250 -14.70 12.44 23.04
CA ARG B 250 -16.03 11.96 23.34
C ARG B 250 -16.88 13.06 23.96
N ASP B 251 -16.33 13.72 24.97
CA ASP B 251 -17.04 14.80 25.67
C ASP B 251 -17.45 15.95 24.76
N GLN B 252 -16.61 16.27 23.78
CA GLN B 252 -16.89 17.37 22.87
C GLN B 252 -17.62 16.89 21.61
N GLN B 253 -17.92 15.60 21.55
CA GLN B 253 -18.63 15.01 20.42
C GLN B 253 -17.95 15.34 19.10
N LEU B 254 -16.65 15.15 19.04
CA LEU B 254 -15.90 15.44 17.84
C LEU B 254 -15.99 14.29 16.84
N LYS B 255 -16.50 13.14 17.28
CA LYS B 255 -16.55 11.97 16.42
C LYS B 255 -17.81 11.17 16.62
N PHE B 256 -18.63 11.09 15.58
CA PHE B 256 -19.74 10.14 15.56
C PHE B 256 -19.36 8.91 14.72
N GLU B 257 -19.95 7.78 15.04
CA GLU B 257 -19.79 6.56 14.25
C GLU B 257 -21.14 5.98 13.90
N LEU B 258 -21.27 5.44 12.70
CA LEU B 258 -22.46 4.68 12.35
C LEU B 258 -22.11 3.22 12.60
N LEU B 259 -22.85 2.58 13.51
CA LEU B 259 -22.47 1.29 14.04
C LEU B 259 -23.45 0.22 13.60
N ILE B 260 -22.93 -0.87 13.08
CA ILE B 260 -23.74 -1.95 12.51
C ILE B 260 -23.39 -3.25 13.22
N PRO B 261 -24.41 -3.99 13.69
CA PRO B 261 -24.16 -5.28 14.33
C PRO B 261 -23.66 -6.30 13.31
N LEU B 262 -22.43 -6.75 13.48
CA LEU B 262 -21.88 -7.79 12.60
C LEU B 262 -21.60 -9.05 13.41
N ARG B 263 -20.72 -8.92 14.39
CA ARG B 263 -20.36 -10.01 15.29
C ARG B 263 -21.41 -10.17 16.39
N SER B 264 -21.98 -9.07 16.83
CA SER B 264 -23.03 -9.08 17.86
C SER B 264 -23.72 -7.72 17.92
N GLU B 265 -24.92 -7.69 18.47
CA GLU B 265 -25.66 -6.44 18.63
C GLU B 265 -25.14 -5.65 19.82
N GLU B 266 -24.29 -6.28 20.63
CA GLU B 266 -23.73 -5.65 21.83
C GLU B 266 -22.38 -5.01 21.53
N GLN B 267 -21.66 -5.55 20.55
CA GLN B 267 -20.40 -4.95 20.09
C GLN B 267 -20.46 -4.69 18.59
N PRO B 268 -21.24 -3.68 18.18
CA PRO B 268 -21.44 -3.42 16.75
C PRO B 268 -20.16 -2.85 16.14
N THR B 269 -20.07 -2.87 14.82
CA THR B 269 -18.88 -2.39 14.11
C THR B 269 -19.09 -1.00 13.50
N ALA B 270 -18.16 -0.08 13.74
CA ALA B 270 -18.18 1.25 13.11
C ALA B 270 -17.83 1.18 11.63
N CYS B 271 -18.80 1.49 10.77
CA CYS B 271 -18.61 1.36 9.34
C CYS B 271 -18.48 2.69 8.63
N MET B 272 -18.86 3.75 9.33
CA MET B 272 -18.63 5.14 8.89
C MET B 272 -18.30 5.97 10.11
N SER B 273 -17.56 7.05 9.92
CA SER B 273 -17.29 7.99 10.99
C SER B 273 -17.50 9.42 10.53
N PHE B 274 -17.83 10.31 11.46
CA PHE B 274 -18.11 11.70 11.14
C PHE B 274 -17.29 12.53 12.11
N ASN B 275 -16.25 13.17 11.58
CA ASN B 275 -15.17 13.69 12.42
C ASN B 275 -15.03 15.20 12.34
N TYR B 276 -14.82 15.82 13.49
CA TYR B 276 -14.57 17.26 13.55
C TYR B 276 -13.21 17.48 14.21
N HIS B 277 -12.31 18.19 13.54
CA HIS B 277 -10.94 18.34 14.06
C HIS B 277 -10.68 19.73 14.64
N ARG B 278 -11.72 20.56 14.69
CA ARG B 278 -11.57 21.96 15.04
CA ARG B 278 -11.58 21.96 15.03
C ARG B 278 -10.46 22.54 14.16
N GLU B 279 -9.55 23.31 14.75
CA GLU B 279 -8.53 23.97 13.95
C GLU B 279 -7.19 23.25 13.99
N HIS B 280 -7.21 22.01 14.48
CA HIS B 280 -5.97 21.27 14.67
C HIS B 280 -5.13 21.15 13.39
N PHE B 281 -5.72 20.69 12.29
CA PHE B 281 -4.96 20.57 11.04
C PHE B 281 -4.83 21.90 10.32
N GLY B 282 -5.79 22.79 10.50
CA GLY B 282 -5.68 24.11 9.90
C GLY B 282 -4.48 24.84 10.48
N THR B 283 -4.27 24.65 11.78
CA THR B 283 -3.14 25.26 12.47
C THR B 283 -1.82 24.60 12.07
N THR B 284 -1.79 23.27 12.08
CA THR B 284 -0.60 22.51 11.69
C THR B 284 -0.09 22.91 10.30
N TRP B 285 -1.01 23.06 9.35
CA TRP B 285 -0.61 23.31 7.97
C TRP B 285 -0.68 24.77 7.54
N GLY B 286 -1.00 25.67 8.46
CA GLY B 286 -1.06 27.08 8.11
C GLY B 286 -2.16 27.40 7.12
N ILE B 287 -3.28 26.70 7.23
CA ILE B 287 -4.41 26.98 6.34
C ILE B 287 -5.25 28.12 6.93
N GLN B 288 -5.56 29.11 6.10
CA GLN B 288 -6.35 30.27 6.54
C GLN B 288 -7.71 30.32 5.84
N ASP B 289 -8.78 30.50 6.61
CA ASP B 289 -10.11 30.62 6.01
C ASP B 289 -10.26 32.02 5.40
N ALA B 290 -11.40 32.32 4.78
CA ALA B 290 -11.57 33.60 4.10
C ALA B 290 -11.61 34.82 5.05
N ASN B 291 -11.71 34.57 6.35
CA ASN B 291 -11.68 35.65 7.34
C ASN B 291 -10.29 35.83 7.96
N GLY B 292 -9.32 35.05 7.49
CA GLY B 292 -7.96 35.15 8.02
C GLY B 292 -7.68 34.41 9.31
N GLU B 293 -8.59 33.52 9.72
CA GLU B 293 -8.38 32.73 10.92
CA GLU B 293 -8.40 32.72 10.92
C GLU B 293 -7.94 31.30 10.55
N PRO B 294 -7.23 30.62 11.46
CA PRO B 294 -6.82 29.24 11.15
C PRO B 294 -8.03 28.37 10.84
N ALA B 295 -8.02 27.70 9.69
CA ALA B 295 -9.19 26.98 9.22
C ALA B 295 -9.55 25.79 10.10
N HIS B 296 -10.82 25.44 10.12
CA HIS B 296 -11.25 24.21 10.74
C HIS B 296 -11.37 23.14 9.65
N THR B 297 -11.36 21.88 10.05
CA THR B 297 -11.49 20.79 9.10
C THR B 297 -12.36 19.71 9.72
N GLY B 298 -13.00 18.92 8.87
CA GLY B 298 -13.73 17.74 9.31
C GLY B 298 -13.88 16.79 8.14
N CYS B 299 -14.27 15.55 8.40
CA CYS B 299 -14.41 14.58 7.33
C CYS B 299 -15.47 13.54 7.65
N VAL B 300 -16.09 13.01 6.61
CA VAL B 300 -16.95 11.85 6.76
C VAL B 300 -16.22 10.69 6.08
N ALA B 301 -16.04 9.59 6.81
CA ALA B 301 -15.24 8.47 6.32
C ALA B 301 -16.08 7.22 6.13
N PHE B 302 -15.92 6.57 4.99
CA PHE B 302 -16.62 5.32 4.70
C PHE B 302 -15.61 4.19 4.72
N GLY B 303 -15.79 3.22 5.62
CA GLY B 303 -14.94 2.03 5.61
C GLY B 303 -15.46 1.08 4.53
N MET B 304 -14.85 1.06 3.35
CA MET B 304 -15.43 0.34 2.20
C MET B 304 -15.52 -1.18 2.42
N ASP B 305 -14.49 -1.73 3.07
CA ASP B 305 -14.46 -3.16 3.33
C ASP B 305 -15.44 -3.54 4.42
N ARG B 306 -15.57 -2.68 5.45
CA ARG B 306 -16.55 -2.95 6.49
C ARG B 306 -17.97 -2.88 5.95
N LEU B 307 -18.22 -1.91 5.09
CA LEU B 307 -19.54 -1.78 4.50
C LEU B 307 -19.86 -2.98 3.59
N ALA B 308 -18.87 -3.41 2.79
CA ALA B 308 -19.09 -4.56 1.92
C ALA B 308 -19.42 -5.79 2.75
N VAL B 309 -18.59 -6.06 3.76
CA VAL B 309 -18.81 -7.17 4.68
C VAL B 309 -20.19 -7.10 5.34
N ALA B 310 -20.58 -5.89 5.76
CA ALA B 310 -21.90 -5.68 6.32
C ALA B 310 -23.01 -6.03 5.34
N MET B 311 -22.82 -5.69 4.06
CA MET B 311 -23.84 -6.03 3.07
C MET B 311 -23.96 -7.54 2.94
N PHE B 312 -22.84 -8.25 2.92
CA PHE B 312 -22.88 -9.69 2.77
C PHE B 312 -23.40 -10.39 4.04
N HIS B 313 -23.00 -9.90 5.20
CA HIS B 313 -23.54 -10.37 6.47
C HIS B 313 -25.05 -10.17 6.55
N THR B 314 -25.52 -9.03 6.09
CA THR B 314 -26.94 -8.67 6.18
C THR B 314 -27.85 -9.36 5.16
N HIS B 315 -27.42 -9.43 3.90
CA HIS B 315 -28.27 -9.97 2.85
C HIS B 315 -27.79 -11.30 2.28
N GLY B 316 -26.67 -11.81 2.76
CA GLY B 316 -26.13 -13.09 2.27
C GLY B 316 -25.26 -12.97 1.03
N THR B 317 -24.65 -14.08 0.62
CA THR B 317 -23.68 -14.07 -0.47
C THR B 317 -24.23 -14.39 -1.86
N ASP B 318 -25.54 -14.50 -1.99
CA ASP B 318 -26.17 -14.68 -3.31
C ASP B 318 -26.89 -13.39 -3.69
N LEU B 319 -26.36 -12.67 -4.67
CA LEU B 319 -26.85 -11.33 -4.98
C LEU B 319 -28.26 -11.33 -5.57
N SER B 320 -28.63 -12.41 -6.24
CA SER B 320 -29.95 -12.44 -6.87
C SER B 320 -31.00 -12.60 -5.78
N ALA B 321 -30.58 -13.05 -4.61
CA ALA B 321 -31.49 -13.14 -3.47
C ALA B 321 -31.52 -11.88 -2.59
N TRP B 322 -30.81 -10.82 -2.99
CA TRP B 322 -30.89 -9.57 -2.23
C TRP B 322 -32.23 -8.90 -2.49
N PRO B 323 -32.74 -8.10 -1.53
CA PRO B 323 -34.02 -7.42 -1.75
C PRO B 323 -33.99 -6.55 -3.01
N ALA B 324 -35.09 -6.54 -3.75
CA ALA B 324 -35.14 -5.83 -5.02
C ALA B 324 -34.79 -4.34 -4.90
N LYS B 325 -35.25 -3.70 -3.83
CA LYS B 325 -34.95 -2.29 -3.57
C LYS B 325 -33.46 -2.04 -3.32
N VAL B 326 -32.80 -3.00 -2.68
CA VAL B 326 -31.36 -2.87 -2.45
C VAL B 326 -30.62 -3.01 -3.77
N ARG B 327 -31.01 -4.01 -4.58
CA ARG B 327 -30.43 -4.24 -5.89
C ARG B 327 -30.63 -3.00 -6.77
N ASP B 328 -31.82 -2.40 -6.69
CA ASP B 328 -32.12 -1.21 -7.46
C ASP B 328 -31.22 -0.04 -7.07
N ILE B 329 -31.10 0.20 -5.75
CA ILE B 329 -30.25 1.26 -5.21
C ILE B 329 -28.81 1.11 -5.71
N LEU B 330 -28.35 -0.13 -5.85
CA LEU B 330 -26.96 -0.39 -6.19
C LEU B 330 -26.75 -0.57 -7.69
N GLY B 331 -27.82 -0.43 -8.47
CA GLY B 331 -27.73 -0.61 -9.90
C GLY B 331 -27.37 -2.02 -10.36
N LEU B 332 -27.86 -3.02 -9.65
CA LEU B 332 -27.52 -4.41 -9.97
C LEU B 332 -28.40 -4.99 -11.07
N HIS C 20 2.69 26.31 48.24
CA HIS C 20 3.82 25.77 47.48
C HIS C 20 3.31 24.97 46.28
N MET C 21 2.34 24.09 46.56
CA MET C 21 1.64 23.34 45.53
C MET C 21 1.17 24.25 44.40
N ASN C 22 0.71 25.44 44.75
CA ASN C 22 0.27 26.41 43.76
C ASN C 22 1.38 26.81 42.81
N ALA C 23 2.56 27.11 43.36
CA ALA C 23 3.67 27.61 42.55
C ALA C 23 4.33 26.51 41.71
N THR C 24 4.32 25.28 42.22
CA THR C 24 4.82 24.14 41.45
C THR C 24 4.02 24.07 40.15
N ILE C 25 2.71 23.88 40.29
CA ILE C 25 1.77 23.85 39.18
C ILE C 25 2.03 24.95 38.17
N ARG C 26 2.30 26.14 38.69
CA ARG C 26 2.59 27.29 37.84
C ARG C 26 3.87 27.13 37.01
N GLU C 27 4.90 26.55 37.61
CA GLU C 27 6.16 26.32 36.90
C GLU C 27 5.98 25.29 35.79
N ILE C 28 5.21 24.24 36.09
CA ILE C 28 4.87 23.24 35.09
C ILE C 28 4.08 23.87 33.94
N LEU C 29 3.16 24.77 34.28
CA LEU C 29 2.36 25.43 33.25
C LEU C 29 3.24 26.26 32.33
N ALA C 30 4.39 26.70 32.82
CA ALA C 30 5.38 27.35 31.97
C ALA C 30 6.30 26.32 31.32
N LYS C 31 6.52 25.21 32.02
CA LYS C 31 7.30 24.09 31.47
C LYS C 31 6.61 23.55 30.20
N PHE C 32 5.45 22.94 30.39
CA PHE C 32 4.75 22.24 29.32
C PHE C 32 3.62 23.04 28.65
N GLY C 33 3.04 23.97 29.40
CA GLY C 33 1.82 24.66 28.99
C GLY C 33 1.73 25.25 27.59
N GLN C 34 2.87 25.68 27.04
CA GLN C 34 2.92 26.30 25.71
C GLN C 34 1.99 27.51 25.57
N LEU C 35 1.87 28.30 26.64
CA LEU C 35 0.99 29.47 26.63
C LEU C 35 1.73 30.70 26.14
N PRO C 36 0.99 31.66 25.56
CA PRO C 36 1.58 32.93 25.11
C PRO C 36 1.96 33.88 26.25
N THR C 37 1.01 34.19 27.14
CA THR C 37 1.28 35.07 28.27
C THR C 37 1.88 34.29 29.44
N PRO C 38 2.85 34.89 30.15
CA PRO C 38 3.54 34.24 31.26
C PRO C 38 2.59 33.78 32.37
N VAL C 39 2.95 32.69 33.07
CA VAL C 39 2.11 32.14 34.13
C VAL C 39 1.92 33.12 35.28
N ASP C 40 2.88 34.03 35.44
CA ASP C 40 2.76 35.13 36.38
C ASP C 40 1.57 36.02 36.02
N THR C 41 1.23 36.04 34.73
CA THR C 41 0.11 36.84 34.22
C THR C 41 -1.17 36.02 34.05
N ILE C 42 -1.39 35.06 34.95
CA ILE C 42 -2.59 34.24 34.92
C ILE C 42 -3.11 33.94 36.33
N ALA C 43 -4.36 34.27 36.58
CA ALA C 43 -4.95 34.09 37.91
C ALA C 43 -5.31 32.64 38.17
N ASP C 44 -5.45 32.29 39.45
CA ASP C 44 -5.84 30.94 39.87
C ASP C 44 -7.09 30.41 39.18
N GLU C 45 -8.18 31.17 39.26
CA GLU C 45 -9.42 30.81 38.61
C GLU C 45 -9.54 31.56 37.29
N ALA C 46 -8.83 31.10 36.27
CA ALA C 46 -8.87 31.70 34.96
C ALA C 46 -8.89 30.65 33.86
N ASP C 47 -9.54 30.97 32.74
CA ASP C 47 -9.69 30.02 31.65
C ASP C 47 -8.37 29.79 30.91
N LEU C 48 -7.77 28.63 31.16
CA LEU C 48 -6.50 28.27 30.53
C LEU C 48 -6.66 28.00 29.04
N TYR C 49 -7.79 27.41 28.66
CA TYR C 49 -8.04 27.08 27.26
C TYR C 49 -8.28 28.34 26.44
N ALA C 50 -9.01 29.29 27.02
CA ALA C 50 -9.16 30.60 26.40
C ALA C 50 -7.81 31.29 26.35
N ALA C 51 -7.04 31.12 27.43
CA ALA C 51 -5.71 31.71 27.52
C ALA C 51 -4.77 31.19 26.43
N GLY C 52 -4.99 29.96 25.99
CA GLY C 52 -4.21 29.40 24.91
C GLY C 52 -3.70 27.99 25.15
N LEU C 53 -4.32 27.29 26.09
CA LEU C 53 -3.98 25.89 26.33
C LEU C 53 -4.62 24.99 25.27
N SER C 54 -3.80 24.42 24.40
CA SER C 54 -4.31 23.53 23.36
C SER C 54 -4.59 22.14 23.94
N SER C 55 -5.20 21.28 23.13
CA SER C 55 -5.48 19.92 23.52
C SER C 55 -4.20 19.16 23.83
N PHE C 56 -3.29 19.11 22.85
CA PHE C 56 -2.02 18.40 22.98
C PHE C 56 -1.21 18.94 24.16
N ALA C 57 -1.22 20.26 24.33
CA ALA C 57 -0.51 20.91 25.44
C ALA C 57 -1.07 20.46 26.79
N SER C 58 -2.39 20.50 26.92
CA SER C 58 -3.07 20.10 28.16
C SER C 58 -2.72 18.69 28.57
N VAL C 59 -2.36 17.87 27.60
CA VAL C 59 -1.97 16.50 27.86
C VAL C 59 -0.52 16.45 28.37
N GLN C 60 0.35 17.26 27.78
CA GLN C 60 1.72 17.39 28.27
C GLN C 60 1.71 17.97 29.68
N LEU C 61 0.93 19.03 29.87
CA LEU C 61 0.75 19.65 31.19
C LEU C 61 0.34 18.62 32.23
N MET C 62 -0.64 17.79 31.87
CA MET C 62 -1.11 16.74 32.76
C MET C 62 0.02 15.76 33.08
N LEU C 63 0.84 15.45 32.07
CA LEU C 63 1.98 14.56 32.27
C LEU C 63 3.05 15.26 33.11
N GLY C 64 3.18 16.57 32.91
CA GLY C 64 4.10 17.38 33.69
C GLY C 64 3.72 17.43 35.17
N ILE C 65 2.42 17.61 35.42
CA ILE C 65 1.86 17.56 36.77
C ILE C 65 2.14 16.19 37.39
N GLU C 66 1.89 15.14 36.63
CA GLU C 66 2.11 13.79 37.12
C GLU C 66 3.56 13.53 37.50
N GLU C 67 4.49 14.08 36.71
CA GLU C 67 5.92 13.94 36.99
C GLU C 67 6.37 14.74 38.22
N ALA C 68 5.96 16.01 38.29
CA ALA C 68 6.38 16.89 39.38
C ALA C 68 5.81 16.54 40.76
N PHE C 69 4.63 15.91 40.78
CA PHE C 69 4.00 15.51 42.04
C PHE C 69 4.04 14.00 42.24
N ASP C 70 4.71 13.30 41.32
CA ASP C 70 4.79 11.83 41.34
C ASP C 70 3.45 11.15 41.65
N ILE C 71 2.39 11.64 41.02
CA ILE C 71 1.05 11.08 41.19
C ILE C 71 0.46 10.74 39.81
N GLU C 72 -0.67 10.02 39.81
CA GLU C 72 -1.35 9.68 38.56
C GLU C 72 -2.87 9.79 38.67
N PHE C 73 -3.48 10.56 37.76
CA PHE C 73 -4.92 10.84 37.80
C PHE C 73 -5.78 9.61 37.54
N PRO C 74 -6.98 9.60 38.14
CA PRO C 74 -7.98 8.59 37.76
C PRO C 74 -8.59 8.98 36.42
N ASP C 75 -9.10 8.00 35.68
CA ASP C 75 -9.68 8.26 34.37
C ASP C 75 -10.91 9.16 34.47
N ASN C 76 -11.52 9.21 35.64
CA ASN C 76 -12.68 10.06 35.88
C ASN C 76 -12.33 11.54 35.77
N LEU C 77 -11.08 11.87 36.06
CA LEU C 77 -10.64 13.27 36.10
C LEU C 77 -9.67 13.55 34.97
N LEU C 78 -9.57 12.61 34.04
CA LEU C 78 -8.70 12.79 32.89
C LEU C 78 -9.44 13.52 31.78
N ASN C 79 -9.70 14.80 31.98
CA ASN C 79 -10.55 15.56 31.07
C ASN C 79 -10.29 17.06 31.10
N ARG C 80 -11.03 17.78 30.27
CA ARG C 80 -10.90 19.23 30.11
C ARG C 80 -11.16 19.95 31.43
N LYS C 81 -12.14 19.46 32.18
CA LYS C 81 -12.57 20.10 33.42
C LYS C 81 -11.46 20.21 34.46
N SER C 82 -10.76 19.10 34.70
CA SER C 82 -9.67 19.06 35.68
C SER C 82 -8.53 20.04 35.40
N PHE C 83 -8.44 20.58 34.19
CA PHE C 83 -7.32 21.41 33.80
C PHE C 83 -7.76 22.75 33.23
N ALA C 84 -8.99 23.15 33.57
CA ALA C 84 -9.55 24.40 33.07
C ALA C 84 -8.87 25.60 33.72
N SER C 85 -8.41 25.40 34.95
CA SER C 85 -7.76 26.48 35.69
C SER C 85 -6.78 25.91 36.70
N ILE C 86 -5.79 26.73 37.07
CA ILE C 86 -4.82 26.40 38.10
C ILE C 86 -5.52 25.94 39.38
N LYS C 87 -6.59 26.66 39.74
CA LYS C 87 -7.37 26.33 40.91
C LYS C 87 -8.02 24.95 40.74
N ALA C 88 -8.61 24.72 39.58
CA ALA C 88 -9.16 23.40 39.25
C ALA C 88 -8.07 22.35 39.32
N ILE C 89 -6.90 22.66 38.77
CA ILE C 89 -5.75 21.76 38.87
C ILE C 89 -5.37 21.52 40.34
N GLU C 90 -5.21 22.60 41.11
CA GLU C 90 -4.82 22.49 42.51
C GLU C 90 -5.83 21.67 43.31
N ASP C 91 -7.11 22.00 43.14
CA ASP C 91 -8.18 21.27 43.82
C ASP C 91 -8.16 19.79 43.46
N THR C 92 -7.94 19.49 42.19
CA THR C 92 -7.92 18.12 41.71
C THR C 92 -6.74 17.34 42.30
N VAL C 93 -5.54 17.91 42.21
CA VAL C 93 -4.34 17.28 42.78
C VAL C 93 -4.50 17.06 44.28
N LYS C 94 -5.08 18.05 44.97
CA LYS C 94 -5.34 17.95 46.41
C LYS C 94 -6.34 16.83 46.69
N LEU C 95 -7.45 16.83 45.95
CA LEU C 95 -8.48 15.82 46.11
C LEU C 95 -8.01 14.41 45.75
N ILE C 96 -6.77 14.30 45.27
CA ILE C 96 -6.19 13.02 44.89
C ILE C 96 -5.15 12.59 45.92
N MET D 21 42.21 -28.26 -12.81
CA MET D 21 40.97 -27.50 -12.86
C MET D 21 39.79 -28.34 -12.39
N ASN D 22 39.63 -29.52 -13.01
CA ASN D 22 38.55 -30.43 -12.68
C ASN D 22 38.56 -30.80 -11.20
N ALA D 23 39.74 -30.68 -10.59
CA ALA D 23 39.91 -30.92 -9.17
C ALA D 23 38.98 -30.04 -8.33
N THR D 24 38.95 -28.75 -8.64
CA THR D 24 38.21 -27.78 -7.83
C THR D 24 36.77 -27.52 -8.31
N ILE D 25 36.47 -27.92 -9.54
CA ILE D 25 35.14 -27.69 -10.11
C ILE D 25 34.11 -28.69 -9.62
N ARG D 26 34.53 -29.93 -9.43
CA ARG D 26 33.65 -30.99 -8.93
C ARG D 26 33.27 -30.77 -7.46
N GLU D 27 34.06 -29.95 -6.77
CA GLU D 27 33.76 -29.59 -5.39
C GLU D 27 32.69 -28.49 -5.37
N ILE D 28 32.88 -27.47 -6.20
CA ILE D 28 31.95 -26.35 -6.27
C ILE D 28 30.58 -26.79 -6.80
N LEU D 29 30.59 -27.49 -7.94
CA LEU D 29 29.36 -27.99 -8.56
C LEU D 29 28.56 -28.86 -7.59
N ALA D 30 29.26 -29.51 -6.67
CA ALA D 30 28.60 -30.30 -5.64
C ALA D 30 28.08 -29.40 -4.53
N LYS D 31 28.80 -28.31 -4.27
CA LYS D 31 28.47 -27.38 -3.18
C LYS D 31 27.26 -26.50 -3.49
N PHE D 32 27.29 -25.84 -4.64
CA PHE D 32 26.26 -24.86 -5.01
C PHE D 32 25.32 -25.32 -6.13
N GLY D 33 25.69 -26.40 -6.81
CA GLY D 33 24.92 -26.89 -7.94
C GLY D 33 23.53 -27.39 -7.59
N GLN D 34 23.40 -27.97 -6.40
CA GLN D 34 22.14 -28.49 -5.89
C GLN D 34 21.47 -29.47 -6.87
N LEU D 35 22.22 -30.46 -7.32
CA LEU D 35 21.71 -31.46 -8.26
C LEU D 35 21.30 -32.74 -7.54
N PRO D 36 20.39 -33.52 -8.14
CA PRO D 36 19.94 -34.81 -7.57
C PRO D 36 21.05 -35.87 -7.48
N THR D 37 21.82 -36.03 -8.55
CA THR D 37 22.96 -36.95 -8.56
C THR D 37 24.21 -36.27 -8.00
N PRO D 38 25.15 -37.07 -7.45
CA PRO D 38 26.39 -36.48 -6.93
C PRO D 38 27.34 -36.04 -8.05
N VAL D 39 28.25 -35.12 -7.74
CA VAL D 39 29.17 -34.58 -8.73
C VAL D 39 30.17 -35.62 -9.25
N ASP D 40 30.24 -36.76 -8.57
CA ASP D 40 31.10 -37.86 -8.99
C ASP D 40 30.41 -38.77 -9.99
N THR D 41 29.29 -38.31 -10.55
CA THR D 41 28.52 -39.09 -11.51
C THR D 41 28.44 -38.40 -12.88
N ILE D 42 28.55 -37.08 -12.87
CA ILE D 42 28.54 -36.32 -14.13
C ILE D 42 29.77 -36.67 -14.97
N ALA D 43 29.58 -36.75 -16.28
CA ALA D 43 30.61 -37.27 -17.19
C ALA D 43 31.58 -36.22 -17.71
N ASP D 44 31.64 -35.06 -17.05
CA ASP D 44 32.52 -33.96 -17.45
C ASP D 44 32.31 -33.46 -18.90
N GLU D 45 31.27 -33.97 -19.56
CA GLU D 45 30.95 -33.58 -20.92
C GLU D 45 29.44 -33.53 -21.12
N ALA D 46 28.71 -34.08 -20.14
CA ALA D 46 27.26 -34.10 -20.17
C ALA D 46 26.65 -32.74 -19.83
N ASP D 47 25.39 -32.55 -20.22
CA ASP D 47 24.69 -31.29 -19.98
C ASP D 47 24.28 -31.17 -18.51
N LEU D 48 24.80 -30.14 -17.84
CA LEU D 48 24.49 -29.89 -16.43
C LEU D 48 23.03 -29.46 -16.21
N TYR D 49 22.43 -28.88 -17.25
CA TYR D 49 21.06 -28.36 -17.15
C TYR D 49 20.02 -29.47 -17.16
N ALA D 50 20.21 -30.45 -18.02
CA ALA D 50 19.34 -31.63 -18.05
C ALA D 50 19.53 -32.46 -16.78
N ALA D 51 20.70 -32.29 -16.16
CA ALA D 51 21.00 -32.96 -14.89
C ALA D 51 20.16 -32.41 -13.74
N GLY D 52 19.90 -31.10 -13.77
CA GLY D 52 19.09 -30.48 -12.74
C GLY D 52 19.60 -29.13 -12.26
N LEU D 53 20.59 -28.58 -12.98
CA LEU D 53 21.14 -27.28 -12.63
C LEU D 53 20.15 -26.17 -13.00
N SER D 54 19.48 -25.62 -11.99
CA SER D 54 18.54 -24.53 -12.20
C SER D 54 19.26 -23.22 -12.50
N SER D 55 18.50 -22.19 -12.85
CA SER D 55 19.05 -20.88 -13.16
C SER D 55 19.73 -20.24 -11.96
N PHE D 56 19.10 -20.33 -10.81
CA PHE D 56 19.63 -19.68 -9.63
C PHE D 56 20.78 -20.44 -9.00
N ALA D 57 20.78 -21.76 -9.18
CA ALA D 57 21.93 -22.59 -8.79
C ALA D 57 23.11 -22.24 -9.68
N SER D 58 22.85 -22.16 -10.99
CA SER D 58 23.88 -21.83 -11.98
C SER D 58 24.62 -20.52 -11.69
N VAL D 59 23.93 -19.54 -11.10
CA VAL D 59 24.59 -18.28 -10.78
C VAL D 59 25.38 -18.40 -9.49
N GLN D 60 24.91 -19.23 -8.58
CA GLN D 60 25.65 -19.52 -7.36
C GLN D 60 26.90 -20.31 -7.72
N LEU D 61 26.81 -21.09 -8.78
CA LEU D 61 27.94 -21.85 -9.31
C LEU D 61 28.95 -20.90 -9.96
N MET D 62 28.48 -20.03 -10.84
CA MET D 62 29.32 -18.99 -11.44
C MET D 62 30.08 -18.23 -10.35
N LEU D 63 29.36 -17.79 -9.33
CA LEU D 63 29.97 -17.06 -8.22
C LEU D 63 31.01 -17.90 -7.48
N GLY D 64 30.78 -19.21 -7.44
CA GLY D 64 31.70 -20.14 -6.80
C GLY D 64 32.98 -20.31 -7.58
N ILE D 65 32.93 -20.08 -8.88
CA ILE D 65 34.09 -20.16 -9.76
C ILE D 65 34.95 -18.90 -9.64
N GLU D 66 34.31 -17.79 -9.28
CA GLU D 66 35.02 -16.52 -9.12
C GLU D 66 35.65 -16.39 -7.73
N GLU D 67 35.33 -17.33 -6.85
CA GLU D 67 35.83 -17.29 -5.48
C GLU D 67 36.89 -18.38 -5.24
N ALA D 68 36.77 -19.48 -5.97
CA ALA D 68 37.75 -20.56 -5.88
C ALA D 68 38.96 -20.25 -6.76
N PHE D 69 38.72 -19.50 -7.83
CA PHE D 69 39.78 -18.96 -8.66
C PHE D 69 39.65 -17.44 -8.57
N ASP D 70 40.72 -16.71 -8.86
CA ASP D 70 40.68 -15.25 -8.72
C ASP D 70 40.41 -14.56 -10.05
N ILE D 71 39.17 -14.67 -10.53
CA ILE D 71 38.80 -14.06 -11.80
C ILE D 71 37.29 -13.88 -11.92
N GLU D 72 36.87 -12.81 -12.58
CA GLU D 72 35.47 -12.54 -12.86
C GLU D 72 35.21 -12.54 -14.37
N PHE D 73 34.25 -13.36 -14.81
CA PHE D 73 33.89 -13.46 -16.22
C PHE D 73 33.53 -12.10 -16.83
N PRO D 74 33.77 -11.94 -18.14
CA PRO D 74 33.18 -10.77 -18.79
C PRO D 74 31.70 -11.04 -19.01
N ASP D 75 30.89 -9.99 -19.12
CA ASP D 75 29.46 -10.18 -19.35
C ASP D 75 29.19 -10.92 -20.66
N ASN D 76 30.20 -10.98 -21.51
CA ASN D 76 30.13 -11.74 -22.75
C ASN D 76 30.05 -13.25 -22.53
N LEU D 77 30.94 -13.76 -21.69
CA LEU D 77 30.97 -15.19 -21.41
C LEU D 77 30.09 -15.52 -20.22
N LEU D 78 29.37 -14.52 -19.73
CA LEU D 78 28.52 -14.68 -18.56
C LEU D 78 27.10 -15.09 -18.97
N ASN D 79 26.91 -16.39 -19.15
CA ASN D 79 25.67 -16.90 -19.73
C ASN D 79 25.50 -18.40 -19.59
N ARG D 80 24.34 -18.87 -20.04
CA ARG D 80 23.95 -20.28 -19.99
C ARG D 80 24.99 -21.18 -20.65
N LYS D 81 25.51 -20.74 -21.79
CA LYS D 81 26.42 -21.53 -22.61
C LYS D 81 27.71 -21.90 -21.88
N SER D 82 28.28 -20.97 -21.13
CA SER D 82 29.56 -21.20 -20.44
C SER D 82 29.44 -22.20 -19.29
N PHE D 83 28.21 -22.59 -18.96
CA PHE D 83 27.98 -23.47 -17.82
C PHE D 83 27.15 -24.70 -18.21
N ALA D 84 27.13 -25.01 -19.50
CA ALA D 84 26.37 -26.13 -20.04
C ALA D 84 26.91 -27.47 -19.54
N SER D 85 28.19 -27.71 -19.78
CA SER D 85 28.86 -28.92 -19.31
C SER D 85 30.05 -28.56 -18.41
N ILE D 86 30.67 -29.58 -17.83
CA ILE D 86 31.83 -29.36 -16.97
C ILE D 86 33.06 -29.00 -17.81
N LYS D 87 33.09 -29.50 -19.04
CA LYS D 87 34.18 -29.21 -19.97
C LYS D 87 34.01 -27.81 -20.56
N ALA D 88 32.77 -27.35 -20.63
CA ALA D 88 32.47 -26.01 -21.09
C ALA D 88 33.03 -24.99 -20.10
N ILE D 89 32.87 -25.30 -18.82
CA ILE D 89 33.36 -24.43 -17.76
C ILE D 89 34.88 -24.35 -17.77
N GLU D 90 35.52 -25.51 -17.72
CA GLU D 90 36.98 -25.61 -17.67
C GLU D 90 37.66 -24.86 -18.81
N ASP D 91 37.16 -25.06 -20.03
CA ASP D 91 37.69 -24.37 -21.20
C ASP D 91 37.64 -22.84 -21.03
N THR D 92 36.51 -22.36 -20.52
CA THR D 92 36.27 -20.92 -20.37
C THR D 92 37.28 -20.29 -19.42
N VAL D 93 37.70 -21.06 -18.42
CA VAL D 93 38.63 -20.57 -17.40
C VAL D 93 39.99 -20.18 -17.97
N LYS D 94 40.54 -21.04 -18.82
CA LYS D 94 41.84 -20.78 -19.42
C LYS D 94 41.84 -19.48 -20.23
N LEU D 95 40.73 -19.23 -20.92
CA LEU D 95 40.58 -18.00 -21.70
C LEU D 95 40.06 -16.85 -20.84
C G5A E . 5.86 -7.69 -13.89
N G5A E . 4.78 -9.70 -13.02
O G5A E . 6.00 -7.21 -12.77
S G5A E . 7.62 -5.80 -14.94
N1 G5A E . 6.73 3.09 -12.58
C2 G5A E . 5.64 2.86 -13.33
N3 G5A E . 5.26 1.74 -13.92
C4 G5A E . 6.13 0.75 -13.72
C5 G5A E . 7.29 0.82 -12.97
C6 G5A E . 7.59 2.06 -12.37
N6 G5A E . 8.67 2.27 -11.62
N7 G5A E . 7.95 -0.40 -12.97
C8 G5A E . 7.20 -1.16 -13.72
N9 G5A E . 6.08 -0.53 -14.21
CA G5A E . 4.96 -8.88 -14.21
C1' G5A E . 5.11 -1.10 -15.15
O1S G5A E . 8.35 -5.83 -13.72
C2' G5A E . 5.61 -1.19 -16.60
O2' G5A E . 4.56 -0.85 -17.50
O2S G5A E . 8.22 -5.57 -16.20
C3' G5A E . 5.94 -2.68 -16.76
O3' G5A E . 5.75 -3.18 -18.08
N3S G5A E . 6.58 -7.12 -14.98
C4' G5A E . 4.91 -3.32 -15.86
O4' G5A E . 4.81 -2.42 -14.74
C5' G5A E . 5.26 -4.70 -15.37
O5' G5A E . 6.59 -4.64 -14.80
CL CL F . 2.41 1.63 -14.29
ZN ZN G . -10.30 11.98 7.45
C G5A H . -10.70 8.33 9.86
N G5A H . -9.81 10.08 8.41
O G5A H . -9.63 7.71 9.83
S G5A H . -11.72 6.38 11.47
N1 G5A H . -10.36 -2.61 9.30
C2 G5A H . -11.35 -2.24 8.48
N3 G5A H . -11.97 -1.06 8.37
C4 G5A H . -11.45 -0.18 9.25
C5 G5A H . -10.43 -0.40 10.15
C6 G5A H . -9.86 -1.70 10.16
N6 G5A H . -8.87 -2.06 10.96
N7 G5A H . -10.16 0.73 10.89
C8 G5A H . -11.03 1.61 10.44
N9 G5A H . -11.84 1.12 9.45
CA G5A H . -10.99 9.65 9.13
C1' G5A H . -12.94 1.82 8.78
O1S G5A H . -10.40 6.18 11.94
C2' G5A H . -14.18 1.99 9.68
O2' G5A H . -15.38 1.78 8.95
O2S G5A H . -12.88 6.27 12.29
C3' G5A H . -14.05 3.45 10.13
O3' G5A H . -15.32 4.07 10.38
N3S G5A H . -11.77 7.77 10.60
C4' G5A H . -13.43 4.11 8.92
O4' G5A H . -12.49 3.12 8.43
C5' G5A H . -12.73 5.41 9.19
O5' G5A H . -11.91 5.25 10.37
CL CL I . -13.16 -0.67 5.77
O23 PNS J . -10.10 19.21 22.29
P24 PNS J . -8.71 18.52 22.31
O25 PNS J . -8.53 17.52 23.45
O27 PNS J . -8.49 17.72 20.93
C28 PNS J . -8.73 18.26 19.61
C29 PNS J . -7.92 17.41 18.59
C30 PNS J . -8.44 17.73 17.20
C31 PNS J . -6.43 17.76 18.66
C32 PNS J . -8.09 15.90 18.88
O33 PNS J . -9.43 15.55 19.17
C34 PNS J . -7.57 15.02 17.70
O35 PNS J . -6.38 14.79 17.61
N36 PNS J . -8.47 14.58 16.81
C37 PNS J . -8.08 13.99 15.54
C38 PNS J . -7.49 12.61 15.71
C39 PNS J . -6.97 12.07 14.39
O40 PNS J . -5.89 12.41 13.95
N41 PNS J . -7.78 11.21 13.77
C42 PNS J . -7.43 10.53 12.52
C43 PNS J . -7.67 11.40 11.26
S44 PNS J . -9.39 11.99 11.34
O23 PNS K . 18.66 -18.16 -16.05
P24 PNS K . 17.43 -19.06 -16.00
O25 PNS K . 17.02 -19.64 -17.38
O27 PNS K . 16.20 -18.22 -15.39
C28 PNS K . 14.82 -18.48 -15.65
C29 PNS K . 13.99 -17.78 -14.55
C30 PNS K . 12.51 -17.90 -14.92
C31 PNS K . 14.23 -18.47 -13.20
C32 PNS K . 14.36 -16.28 -14.43
O33 PNS K . 14.38 -15.63 -15.69
C34 PNS K . 13.37 -15.52 -13.50
O35 PNS K . 13.53 -15.59 -12.28
N36 PNS K . 12.38 -14.83 -14.05
C37 PNS K . 11.35 -14.16 -13.27
C38 PNS K . 11.68 -12.70 -13.05
C39 PNS K . 10.62 -12.01 -12.23
O40 PNS K . 10.26 -12.44 -11.14
N41 PNS K . 10.09 -10.91 -12.78
C42 PNS K . 8.98 -10.17 -12.19
C43 PNS K . 7.69 -11.01 -12.12
S44 PNS K . 7.23 -11.43 -13.83
#